data_4H3P
#
_entry.id   4H3P
#
_cell.length_a   41.480
_cell.length_b   58.770
_cell.length_c   79.180
_cell.angle_alpha   100.93
_cell.angle_beta   98.96
_cell.angle_gamma   90.01
#
_symmetry.space_group_name_H-M   'P 1'
#
loop_
_entity.id
_entity.type
_entity.pdbx_description
1 polymer 'Mitogen-activated protein kinase 1'
2 polymer 'Ribosomal protein S6 kinase alpha-1'
3 non-polymer 'PHOSPHOAMINOPHOSPHONIC ACID-ADENYLATE ESTER'
4 water water
#
loop_
_entity_poly.entity_id
_entity_poly.type
_entity_poly.pdbx_seq_one_letter_code
_entity_poly.pdbx_strand_id
1 'polypeptide(L)'
;GSMAAAAAAGAGPEMVRGQVFDVGPRYTNLSYIGEGAYGMVCSAYDNVNKVRVAIKKISPFEHQTYCQRTLREIKILLAF
RHENIIGINDIIRAPTIEQMKDVYIVQDLMETDLYKLLKTQHLSNDHICYFLYQILRGLKYIHSANVLHRDLKPSNLLLN
TTCDLKICDFGLARVADPDHDHTGFLTEYVATRWYRAPEIMLNSKGYTKSIDIWSVGCILAEMLSNRPIFPGKHYLDQLN
HILGILGSPSQEDLNCIINLKARNYLLSLPHKNKVPWNRLFPNADSKALDLLDKMLTFNPHKRIEVEQALAHPYLAQYYD
PSDEPIAEAPFKFDMELDDLPKEKLKELIFEETARFQPGYRS
;
A,D
2 'polypeptide(L)' PQLKPIEASILAARRVRKLPSTTL B,E
#
# COMPACT_ATOMS: atom_id res chain seq x y z
N PRO A 13 10.08 -23.19 -26.40
CA PRO A 13 8.71 -22.86 -26.04
C PRO A 13 7.93 -22.36 -27.25
N GLU A 14 6.63 -22.18 -27.07
CA GLU A 14 5.81 -21.67 -28.15
C GLU A 14 5.96 -20.15 -28.23
N MET A 15 5.80 -19.59 -29.42
CA MET A 15 5.93 -18.17 -29.63
C MET A 15 4.64 -17.71 -30.26
N VAL A 16 4.02 -16.69 -29.68
CA VAL A 16 2.76 -16.17 -30.19
C VAL A 16 2.92 -14.70 -30.51
N ARG A 17 2.83 -14.35 -31.80
CA ARG A 17 3.10 -12.99 -32.27
C ARG A 17 4.45 -12.49 -31.77
N GLY A 18 5.47 -13.33 -31.89
CA GLY A 18 6.82 -12.91 -31.58
C GLY A 18 7.25 -12.94 -30.12
N GLN A 19 6.39 -13.41 -29.21
CA GLN A 19 6.70 -13.43 -27.77
C GLN A 19 6.81 -14.83 -27.22
N VAL A 20 7.78 -15.04 -26.32
CA VAL A 20 7.88 -16.30 -25.57
C VAL A 20 6.67 -16.50 -24.66
N PHE A 21 6.10 -17.71 -24.74
CA PHE A 21 5.04 -18.15 -23.87
C PHE A 21 5.55 -19.44 -23.26
N ASP A 22 6.23 -19.31 -22.13
CA ASP A 22 6.97 -20.41 -21.56
C ASP A 22 6.11 -21.18 -20.59
N VAL A 23 5.16 -21.94 -21.14
CA VAL A 23 4.14 -22.61 -20.35
C VAL A 23 4.10 -24.14 -20.54
N GLY A 24 4.97 -24.66 -21.41
CA GLY A 24 5.10 -26.10 -21.58
C GLY A 24 5.88 -26.72 -20.45
N PRO A 25 5.84 -28.06 -20.33
CA PRO A 25 5.18 -28.99 -21.26
C PRO A 25 3.70 -29.25 -20.95
N ARG A 26 3.25 -28.87 -19.74
CA ARG A 26 1.84 -29.01 -19.38
C ARG A 26 0.84 -28.31 -20.31
N TYR A 27 1.10 -27.05 -20.70
CA TYR A 27 0.17 -26.31 -21.55
C TYR A 27 0.74 -26.17 -22.98
N THR A 28 -0.09 -26.45 -23.98
CA THR A 28 0.37 -26.49 -25.38
C THR A 28 -0.72 -25.94 -26.30
N ASN A 29 -0.44 -25.86 -27.59
CA ASN A 29 -1.40 -25.35 -28.58
C ASN A 29 -1.97 -23.98 -28.24
N LEU A 30 -1.07 -23.07 -27.92
CA LEU A 30 -1.46 -21.71 -27.62
C LEU A 30 -1.99 -20.98 -28.86
N SER A 31 -3.13 -20.32 -28.75
CA SER A 31 -3.63 -19.48 -29.84
C SER A 31 -3.95 -18.12 -29.26
N TYR A 32 -3.37 -17.09 -29.86
CA TYR A 32 -3.59 -15.70 -29.49
C TYR A 32 -5.06 -15.37 -29.42
N ILE A 33 -5.49 -14.70 -28.35
CA ILE A 33 -6.87 -14.22 -28.21
C ILE A 33 -6.88 -12.67 -28.20
N GLY A 34 -6.03 -12.06 -27.36
CA GLY A 34 -6.04 -10.61 -27.19
C GLY A 34 -4.89 -10.00 -26.40
N GLU A 35 -4.94 -8.70 -26.23
CA GLU A 35 -3.76 -7.97 -25.78
C GLU A 35 -4.10 -6.74 -24.95
N GLY A 36 -3.24 -6.48 -23.97
CA GLY A 36 -3.27 -5.22 -23.23
C GLY A 36 -1.83 -4.74 -23.14
N ALA A 37 -1.61 -3.71 -22.33
CA ALA A 37 -0.33 -2.99 -22.28
C ALA A 37 0.85 -3.85 -21.84
N TYR A 38 0.66 -4.62 -20.77
CA TYR A 38 1.72 -5.43 -20.24
C TYR A 38 1.32 -6.91 -20.18
N GLY A 39 0.25 -7.26 -20.89
CA GLY A 39 -0.21 -8.64 -20.93
C GLY A 39 -0.84 -9.14 -22.20
N MET A 40 -0.52 -10.39 -22.55
CA MET A 40 -1.15 -11.07 -23.68
C MET A 40 -1.96 -12.31 -23.27
N VAL A 41 -3.11 -12.52 -23.89
CA VAL A 41 -4.01 -13.63 -23.56
C VAL A 41 -4.15 -14.63 -24.73
N CYS A 42 -3.95 -15.92 -24.42
CA CYS A 42 -4.03 -17.02 -25.40
C CYS A 42 -4.97 -18.12 -24.91
N SER A 43 -5.62 -18.82 -25.82
CA SER A 43 -6.24 -20.09 -25.51
C SER A 43 -5.14 -21.16 -25.47
N ALA A 44 -5.33 -22.24 -24.75
CA ALA A 44 -4.31 -23.26 -24.67
C ALA A 44 -4.91 -24.61 -24.30
N TYR A 45 -4.12 -25.67 -24.39
CA TYR A 45 -4.59 -26.98 -23.93
C TYR A 45 -3.75 -27.47 -22.76
N ASP A 46 -4.46 -27.80 -21.70
CA ASP A 46 -3.88 -28.32 -20.49
C ASP A 46 -3.82 -29.84 -20.66
N ASN A 47 -2.62 -30.39 -20.81
CA ASN A 47 -2.46 -31.81 -21.10
C ASN A 47 -2.53 -32.62 -19.81
N VAL A 48 -2.32 -31.94 -18.69
CA VAL A 48 -2.40 -32.64 -17.42
C VAL A 48 -3.87 -32.88 -17.11
N ASN A 49 -4.68 -31.85 -17.19
CA ASN A 49 -6.10 -32.02 -16.91
C ASN A 49 -6.98 -32.28 -18.10
N LYS A 50 -6.43 -32.12 -19.29
CA LYS A 50 -7.16 -32.39 -20.52
C LYS A 50 -8.36 -31.50 -20.67
N VAL A 51 -8.11 -30.19 -20.56
CA VAL A 51 -9.12 -29.19 -20.75
C VAL A 51 -8.50 -28.02 -21.49
N ARG A 52 -9.32 -27.28 -22.22
CA ARG A 52 -8.94 -26.00 -22.81
C ARG A 52 -8.97 -24.94 -21.71
N VAL A 53 -7.94 -24.08 -21.67
CA VAL A 53 -7.82 -23.05 -20.66
C VAL A 53 -7.49 -21.77 -21.37
N ALA A 54 -7.45 -20.68 -20.60
CA ALA A 54 -6.93 -19.42 -21.09
C ALA A 54 -5.69 -19.10 -20.30
N ILE A 55 -4.66 -18.57 -20.96
CA ILE A 55 -3.44 -18.21 -20.30
C ILE A 55 -3.11 -16.73 -20.58
N LYS A 56 -2.86 -16.00 -19.50
CA LYS A 56 -2.48 -14.59 -19.60
C LYS A 56 -1.03 -14.46 -19.23
N LYS A 57 -0.19 -14.05 -20.18
CA LYS A 57 1.17 -13.68 -19.81
C LYS A 57 1.08 -12.23 -19.35
N ILE A 58 1.65 -11.96 -18.19
CA ILE A 58 1.64 -10.60 -17.66
C ILE A 58 3.08 -10.29 -17.35
N SER A 59 3.55 -9.15 -17.82
CA SER A 59 4.93 -8.71 -17.57
C SER A 59 4.93 -7.34 -16.95
N PRO A 60 4.66 -7.26 -15.63
CA PRO A 60 4.36 -5.99 -14.97
C PRO A 60 5.52 -5.39 -14.21
N PHE A 61 6.67 -6.06 -14.20
CA PHE A 61 7.71 -5.71 -13.25
C PHE A 61 8.46 -4.38 -13.50
N GLU A 62 8.21 -3.75 -14.65
CA GLU A 62 8.86 -2.50 -14.98
C GLU A 62 8.22 -1.33 -14.23
N HIS A 63 6.93 -1.43 -13.94
CA HIS A 63 6.20 -0.36 -13.29
C HIS A 63 5.44 -0.75 -12.04
N GLN A 64 5.56 0.11 -11.03
CA GLN A 64 4.92 -0.03 -9.74
C GLN A 64 3.44 -0.29 -9.88
N THR A 65 2.80 0.49 -10.75
CA THR A 65 1.35 0.42 -10.93
C THR A 65 0.92 -0.94 -11.46
N TYR A 66 1.69 -1.48 -12.40
CA TYR A 66 1.39 -2.80 -12.95
C TYR A 66 1.57 -3.89 -11.88
N CYS A 67 2.69 -3.83 -11.18
CA CYS A 67 2.95 -4.72 -10.07
C CYS A 67 1.81 -4.79 -9.05
N GLN A 68 1.32 -3.61 -8.64
CA GLN A 68 0.29 -3.50 -7.62
C GLN A 68 -1.03 -4.04 -8.18
N ARG A 69 -1.33 -3.68 -9.41
CA ARG A 69 -2.50 -4.21 -10.10
C ARG A 69 -2.51 -5.75 -10.13
N THR A 70 -1.34 -6.33 -10.33
CA THR A 70 -1.22 -7.76 -10.57
C THR A 70 -1.40 -8.50 -9.27
N LEU A 71 -0.88 -7.90 -8.22
CA LEU A 71 -0.98 -8.46 -6.90
C LEU A 71 -2.43 -8.35 -6.42
N ARG A 72 -3.10 -7.24 -6.70
CA ARG A 72 -4.48 -7.17 -6.26
C ARG A 72 -5.30 -8.27 -6.94
N GLU A 73 -5.19 -8.37 -8.26
CA GLU A 73 -5.96 -9.32 -9.02
C GLU A 73 -5.72 -10.76 -8.51
N ILE A 74 -4.45 -11.09 -8.30
CA ILE A 74 -4.09 -12.39 -7.77
C ILE A 74 -4.73 -12.71 -6.41
N LYS A 75 -4.51 -11.83 -5.44
CA LYS A 75 -5.03 -12.01 -4.09
C LYS A 75 -6.54 -12.09 -4.05
N ILE A 76 -7.20 -11.24 -4.80
CA ILE A 76 -8.64 -11.26 -4.78
C ILE A 76 -9.22 -12.50 -5.47
N LEU A 77 -8.68 -12.86 -6.63
CA LEU A 77 -9.23 -13.97 -7.40
C LEU A 77 -9.01 -15.28 -6.67
N LEU A 78 -7.88 -15.41 -5.98
CA LEU A 78 -7.61 -16.60 -5.19
C LEU A 78 -8.48 -16.64 -3.91
N ALA A 79 -8.85 -15.48 -3.39
CA ALA A 79 -9.70 -15.41 -2.20
C ALA A 79 -11.18 -15.67 -2.53
N PHE A 80 -11.62 -15.25 -3.71
CA PHE A 80 -13.03 -15.44 -4.08
C PHE A 80 -13.34 -16.84 -4.67
N ARG A 81 -14.52 -17.35 -4.34
CA ARG A 81 -15.04 -18.59 -4.91
C ARG A 81 -16.46 -18.31 -5.34
N HIS A 82 -16.67 -18.01 -6.61
CA HIS A 82 -18.02 -17.72 -7.04
C HIS A 82 -18.25 -18.07 -8.49
N GLU A 83 -19.47 -18.50 -8.79
CA GLU A 83 -19.89 -18.97 -10.09
C GLU A 83 -19.74 -17.85 -11.12
N ASN A 84 -20.00 -16.61 -10.69
CA ASN A 84 -20.03 -15.47 -11.60
C ASN A 84 -18.79 -14.63 -11.58
N ILE A 85 -17.71 -15.20 -11.06
CA ILE A 85 -16.46 -14.50 -10.97
C ILE A 85 -15.40 -15.41 -11.52
N ILE A 86 -14.56 -14.89 -12.40
CA ILE A 86 -13.51 -15.72 -12.98
C ILE A 86 -12.58 -16.18 -11.84
N GLY A 87 -11.97 -17.34 -11.99
CA GLY A 87 -11.02 -17.79 -10.97
C GLY A 87 -9.63 -17.84 -11.57
N ILE A 88 -8.68 -18.32 -10.79
CA ILE A 88 -7.34 -18.58 -11.28
C ILE A 88 -7.08 -20.08 -11.06
N ASN A 89 -6.84 -20.80 -12.15
CA ASN A 89 -6.63 -22.22 -12.07
C ASN A 89 -5.19 -22.60 -11.68
N ASP A 90 -4.23 -21.78 -12.10
CA ASP A 90 -2.80 -22.07 -11.93
C ASP A 90 -2.01 -20.80 -12.25
N ILE A 91 -0.79 -20.72 -11.77
CA ILE A 91 0.04 -19.57 -12.09
C ILE A 91 1.44 -20.07 -12.31
N ILE A 92 2.03 -19.73 -13.43
CA ILE A 92 3.38 -20.18 -13.74
C ILE A 92 4.32 -19.01 -13.66
N ARG A 93 5.45 -19.20 -12.99
CA ARG A 93 6.55 -18.25 -13.04
C ARG A 93 7.86 -18.97 -12.69
N ALA A 94 8.97 -18.32 -12.97
CA ALA A 94 10.30 -18.87 -12.75
C ALA A 94 10.52 -19.29 -11.30
N PRO A 95 11.53 -20.15 -11.06
CA PRO A 95 11.78 -20.72 -9.72
C PRO A 95 12.60 -19.81 -8.80
N THR A 96 13.30 -18.83 -9.36
CA THR A 96 13.90 -17.79 -8.53
C THR A 96 13.34 -16.41 -8.86
N ILE A 97 13.39 -15.52 -7.90
CA ILE A 97 12.98 -14.14 -8.12
C ILE A 97 13.78 -13.42 -9.24
N GLU A 98 15.08 -13.70 -9.35
CA GLU A 98 15.95 -13.05 -10.35
C GLU A 98 15.55 -13.43 -11.78
N GLN A 99 15.00 -14.62 -11.92
CA GLN A 99 14.61 -15.13 -13.23
C GLN A 99 13.20 -14.74 -13.62
N MET A 100 12.36 -14.49 -12.60
CA MET A 100 10.97 -14.15 -12.83
C MET A 100 10.84 -12.81 -13.54
N LYS A 101 10.44 -12.84 -14.80
CA LYS A 101 10.29 -11.62 -15.59
C LYS A 101 8.86 -11.51 -16.04
N ASP A 102 8.13 -12.62 -15.94
CA ASP A 102 6.73 -12.65 -16.33
C ASP A 102 5.97 -13.57 -15.42
N VAL A 103 4.65 -13.50 -15.47
CA VAL A 103 3.84 -14.39 -14.71
C VAL A 103 2.73 -14.83 -15.63
N TYR A 104 2.38 -16.11 -15.60
CA TYR A 104 1.30 -16.62 -16.44
C TYR A 104 0.17 -17.05 -15.55
N ILE A 105 -1.01 -16.51 -15.82
CA ILE A 105 -2.19 -16.83 -15.05
C ILE A 105 -3.04 -17.73 -15.94
N VAL A 106 -3.34 -18.93 -15.43
CA VAL A 106 -4.20 -19.88 -16.12
C VAL A 106 -5.63 -19.76 -15.58
N GLN A 107 -6.58 -19.52 -16.48
CA GLN A 107 -7.97 -19.37 -16.10
C GLN A 107 -8.83 -20.23 -16.99
N ASP A 108 -10.10 -20.39 -16.60
CA ASP A 108 -11.08 -21.08 -17.41
C ASP A 108 -11.20 -20.33 -18.74
N LEU A 109 -11.37 -21.08 -19.82
CA LEU A 109 -11.48 -20.45 -21.12
C LEU A 109 -12.89 -19.99 -21.32
N MET A 110 -13.08 -18.71 -21.59
CA MET A 110 -14.43 -18.28 -21.92
C MET A 110 -14.49 -18.04 -23.41
N GLU A 111 -15.70 -18.03 -23.96
CA GLU A 111 -15.80 -17.90 -25.40
C GLU A 111 -15.64 -16.47 -25.92
N THR A 112 -16.31 -15.51 -25.31
CA THR A 112 -16.16 -14.11 -25.70
C THR A 112 -16.31 -13.18 -24.47
N ASP A 113 -16.44 -11.88 -24.72
CA ASP A 113 -16.88 -10.98 -23.67
C ASP A 113 -18.05 -10.13 -24.16
N LEU A 114 -18.62 -9.34 -23.26
CA LEU A 114 -19.82 -8.58 -23.55
C LEU A 114 -19.49 -7.51 -24.57
N TYR A 115 -18.31 -6.95 -24.45
CA TYR A 115 -17.86 -5.94 -25.38
C TYR A 115 -17.76 -6.50 -26.81
N LYS A 116 -17.05 -7.61 -26.96
CA LYS A 116 -16.89 -8.20 -28.29
C LYS A 116 -18.21 -8.68 -28.85
N LEU A 117 -19.09 -9.14 -27.97
CA LEU A 117 -20.39 -9.63 -28.41
C LEU A 117 -21.29 -8.51 -28.92
N LEU A 118 -21.43 -7.44 -28.13
CA LEU A 118 -22.32 -6.34 -28.45
C LEU A 118 -21.96 -5.69 -29.81
N LYS A 119 -20.73 -5.93 -30.25
CA LYS A 119 -20.24 -5.46 -31.54
C LYS A 119 -21.04 -6.02 -32.71
N THR A 120 -21.41 -7.29 -32.59
CA THR A 120 -22.00 -8.04 -33.69
C THR A 120 -23.40 -8.55 -33.36
N GLN A 121 -23.86 -8.33 -32.14
CA GLN A 121 -25.11 -8.97 -31.75
C GLN A 121 -26.09 -8.09 -30.98
N HIS A 122 -27.27 -7.91 -31.54
CA HIS A 122 -28.37 -7.37 -30.79
C HIS A 122 -28.72 -8.39 -29.73
N LEU A 123 -28.88 -7.94 -28.50
CA LEU A 123 -29.38 -8.87 -27.50
C LEU A 123 -30.88 -8.87 -27.53
N SER A 124 -31.48 -9.95 -27.02
CA SER A 124 -32.91 -10.00 -26.79
C SER A 124 -33.08 -9.61 -25.34
N ASN A 125 -34.29 -9.17 -24.99
CA ASN A 125 -34.59 -8.74 -23.64
C ASN A 125 -34.33 -9.84 -22.61
N ASP A 126 -34.54 -11.08 -23.02
CA ASP A 126 -34.29 -12.25 -22.18
C ASP A 126 -32.83 -12.36 -21.79
N HIS A 127 -31.94 -12.22 -22.78
CA HIS A 127 -30.51 -12.29 -22.53
C HIS A 127 -30.06 -11.15 -21.64
N ILE A 128 -30.61 -9.97 -21.89
CA ILE A 128 -30.26 -8.78 -21.13
C ILE A 128 -30.58 -8.99 -19.66
N CYS A 129 -31.84 -9.34 -19.40
CA CYS A 129 -32.30 -9.68 -18.06
C CYS A 129 -31.39 -10.70 -17.36
N TYR A 130 -31.03 -11.79 -18.07
CA TYR A 130 -30.24 -12.87 -17.46
C TYR A 130 -28.76 -12.52 -17.27
N PHE A 131 -28.20 -11.78 -18.21
CA PHE A 131 -26.84 -11.29 -18.03
C PHE A 131 -26.76 -10.35 -16.84
N LEU A 132 -27.77 -9.51 -16.68
CA LEU A 132 -27.73 -8.50 -15.61
C LEU A 132 -27.88 -9.20 -14.27
N TYR A 133 -28.75 -10.22 -14.20
CA TYR A 133 -28.89 -10.96 -12.96
C TYR A 133 -27.55 -11.54 -12.57
N GLN A 134 -26.82 -12.04 -13.56
CA GLN A 134 -25.53 -12.66 -13.30
C GLN A 134 -24.46 -11.71 -12.80
N ILE A 135 -24.39 -10.53 -13.41
CA ILE A 135 -23.47 -9.49 -12.96
C ILE A 135 -23.75 -9.12 -11.50
N LEU A 136 -25.03 -8.87 -11.19
CA LEU A 136 -25.39 -8.41 -9.87
C LEU A 136 -25.19 -9.53 -8.88
N ARG A 137 -25.40 -10.78 -9.33
CA ARG A 137 -25.18 -11.92 -8.47
C ARG A 137 -23.71 -12.01 -8.12
N GLY A 138 -22.84 -11.87 -9.11
CA GLY A 138 -21.41 -11.83 -8.81
C GLY A 138 -21.09 -10.64 -7.93
N LEU A 139 -21.75 -9.51 -8.18
CA LEU A 139 -21.42 -8.26 -7.48
C LEU A 139 -21.81 -8.33 -6.00
N LYS A 140 -22.95 -8.93 -5.71
CA LYS A 140 -23.41 -9.16 -4.34
C LYS A 140 -22.37 -9.87 -3.53
N TYR A 141 -21.78 -10.90 -4.13
CA TYR A 141 -20.76 -11.66 -3.43
C TYR A 141 -19.55 -10.75 -3.22
N ILE A 142 -19.17 -10.06 -4.27
CA ILE A 142 -18.06 -9.12 -4.18
C ILE A 142 -18.27 -8.08 -3.07
N HIS A 143 -19.43 -7.43 -3.06
CA HIS A 143 -19.69 -6.35 -2.12
C HIS A 143 -19.81 -6.87 -0.70
N SER A 144 -20.25 -8.11 -0.57
CA SER A 144 -20.43 -8.72 0.74
C SER A 144 -19.10 -9.03 1.42
N ALA A 145 -18.02 -9.06 0.64
CA ALA A 145 -16.67 -9.22 1.17
C ALA A 145 -16.10 -7.84 1.44
N ASN A 146 -16.91 -6.81 1.16
CA ASN A 146 -16.49 -5.43 1.30
C ASN A 146 -15.46 -5.00 0.26
N VAL A 147 -15.56 -5.60 -0.92
CA VAL A 147 -14.66 -5.29 -2.04
C VAL A 147 -15.42 -4.50 -3.08
N LEU A 148 -14.74 -3.50 -3.64
CA LEU A 148 -15.24 -2.73 -4.77
C LEU A 148 -14.49 -3.19 -5.99
N HIS A 149 -15.17 -3.42 -7.10
CA HIS A 149 -14.47 -3.88 -8.28
C HIS A 149 -13.82 -2.67 -8.92
N ARG A 150 -14.66 -1.67 -9.17
CA ARG A 150 -14.21 -0.35 -9.63
C ARG A 150 -13.86 -0.24 -11.12
N ASP A 151 -14.05 -1.28 -11.90
CA ASP A 151 -13.73 -1.13 -13.31
C ASP A 151 -14.67 -1.99 -14.12
N LEU A 152 -15.92 -2.02 -13.70
CA LEU A 152 -16.93 -2.82 -14.39
C LEU A 152 -17.23 -2.20 -15.74
N LYS A 153 -17.19 -3.03 -16.77
CA LYS A 153 -17.42 -2.59 -18.13
C LYS A 153 -17.57 -3.84 -19.00
N PRO A 154 -18.13 -3.70 -20.20
CA PRO A 154 -18.45 -4.91 -20.98
C PRO A 154 -17.24 -5.82 -21.24
N SER A 155 -16.08 -5.22 -21.48
CA SER A 155 -14.87 -5.99 -21.78
C SER A 155 -14.36 -6.77 -20.56
N ASN A 156 -14.96 -6.50 -19.40
CA ASN A 156 -14.62 -7.25 -18.19
C ASN A 156 -15.65 -8.29 -17.78
N LEU A 157 -16.66 -8.46 -18.63
CA LEU A 157 -17.67 -9.48 -18.43
C LEU A 157 -17.42 -10.58 -19.45
N LEU A 158 -16.91 -11.73 -19.00
CA LEU A 158 -16.66 -12.87 -19.88
C LEU A 158 -17.92 -13.74 -19.99
N LEU A 159 -18.15 -14.28 -21.17
CA LEU A 159 -19.36 -15.06 -21.43
C LEU A 159 -19.07 -16.33 -22.22
N ASN A 160 -19.96 -17.32 -22.08
CA ASN A 160 -20.08 -18.46 -22.99
C ASN A 160 -21.40 -18.47 -23.77
N THR A 161 -21.48 -19.30 -24.81
CA THR A 161 -22.69 -19.46 -25.60
C THR A 161 -23.78 -20.14 -24.78
N THR A 162 -23.38 -20.78 -23.69
CA THR A 162 -24.31 -21.36 -22.74
C THR A 162 -24.99 -20.24 -21.94
N CYS A 163 -24.47 -19.01 -22.12
CA CYS A 163 -24.94 -17.78 -21.48
C CYS A 163 -24.48 -17.63 -20.03
N ASP A 164 -23.41 -18.29 -19.66
CA ASP A 164 -22.79 -18.04 -18.36
C ASP A 164 -21.94 -16.78 -18.42
N LEU A 165 -21.99 -16.00 -17.35
CA LEU A 165 -21.24 -14.76 -17.25
C LEU A 165 -20.31 -14.77 -16.05
N LYS A 166 -19.05 -14.42 -16.26
CA LYS A 166 -18.10 -14.33 -15.17
C LYS A 166 -17.50 -12.94 -15.18
N ILE A 167 -17.36 -12.33 -14.01
CA ILE A 167 -16.70 -11.03 -13.93
C ILE A 167 -15.19 -11.27 -13.78
N CYS A 168 -14.39 -10.52 -14.52
CA CYS A 168 -12.93 -10.64 -14.42
C CYS A 168 -12.26 -9.29 -14.22
N ASP A 169 -10.93 -9.29 -14.14
CA ASP A 169 -10.11 -8.06 -14.09
C ASP A 169 -10.30 -7.16 -12.85
N PHE A 170 -9.79 -7.63 -11.71
CA PHE A 170 -9.84 -6.92 -10.43
C PHE A 170 -8.55 -6.16 -10.09
N GLY A 171 -7.79 -5.74 -11.10
CA GLY A 171 -6.59 -4.94 -10.88
C GLY A 171 -6.80 -3.64 -10.10
N LEU A 172 -8.01 -3.10 -10.12
CA LEU A 172 -8.29 -1.82 -9.41
C LEU A 172 -9.21 -2.01 -8.24
N ALA A 173 -9.45 -3.26 -7.86
CA ALA A 173 -10.36 -3.50 -6.77
C ALA A 173 -9.76 -3.02 -5.45
N ARG A 174 -10.62 -2.50 -4.57
CA ARG A 174 -10.19 -2.19 -3.19
C ARG A 174 -11.26 -2.47 -2.14
N VAL A 175 -10.83 -2.47 -0.89
CA VAL A 175 -11.75 -2.57 0.24
C VAL A 175 -12.49 -1.26 0.42
N ALA A 176 -13.81 -1.32 0.46
CA ALA A 176 -14.64 -0.14 0.64
C ALA A 176 -14.29 0.67 1.88
N ASP A 177 -14.30 1.99 1.77
CA ASP A 177 -13.98 2.81 2.92
C ASP A 177 -14.51 4.21 2.74
N PRO A 178 -15.75 4.45 3.11
CA PRO A 178 -16.23 5.83 3.18
C PRO A 178 -15.85 6.55 4.51
N ASP A 179 -14.77 7.31 4.57
CA ASP A 179 -13.91 7.55 3.45
C ASP A 179 -12.45 7.74 3.83
N HIS A 180 -12.19 7.61 5.11
CA HIS A 180 -10.87 7.51 5.66
C HIS A 180 -11.12 6.72 6.89
N GLU A 188 -4.59 3.61 -9.57
CA GLU A 188 -5.16 4.95 -9.46
C GLU A 188 -6.27 5.09 -10.48
N TYR A 189 -5.97 5.70 -11.62
CA TYR A 189 -6.98 5.71 -12.67
C TYR A 189 -6.64 5.48 -14.14
N VAL A 190 -7.72 5.53 -14.89
CA VAL A 190 -8.16 4.42 -15.73
C VAL A 190 -8.00 4.64 -17.23
N ALA A 191 -8.20 3.55 -17.97
CA ALA A 191 -8.37 3.60 -19.40
C ALA A 191 -9.55 4.51 -19.71
N THR A 192 -10.77 4.04 -19.44
CA THR A 192 -11.98 4.80 -19.78
C THR A 192 -12.64 5.49 -18.59
N ARG A 193 -13.18 6.66 -18.85
CA ARG A 193 -14.07 7.30 -17.91
C ARG A 193 -15.51 6.91 -18.20
N TRP A 194 -15.75 6.18 -19.29
CA TRP A 194 -17.12 5.93 -19.77
C TRP A 194 -18.05 5.30 -18.75
N TYR A 195 -17.49 4.52 -17.83
CA TYR A 195 -18.28 3.81 -16.84
C TYR A 195 -17.98 4.32 -15.44
N ARG A 196 -17.35 5.48 -15.35
CA ARG A 196 -17.05 6.07 -14.03
C ARG A 196 -18.21 6.92 -13.52
N ALA A 197 -18.55 6.71 -12.24
CA ALA A 197 -19.63 7.45 -11.58
C ALA A 197 -19.30 8.91 -11.49
N PRO A 198 -20.32 9.76 -11.64
CA PRO A 198 -20.09 11.21 -11.69
C PRO A 198 -19.32 11.71 -10.47
N GLU A 199 -19.51 11.08 -9.31
CA GLU A 199 -18.91 11.57 -8.06
C GLU A 199 -17.37 11.45 -8.05
N ILE A 200 -16.86 10.64 -8.95
CA ILE A 200 -15.42 10.43 -9.09
C ILE A 200 -14.75 11.62 -9.77
N MET A 201 -15.49 12.27 -10.68
CA MET A 201 -15.01 13.51 -11.31
C MET A 201 -15.18 14.74 -10.40
N LEU A 202 -15.83 14.57 -9.25
CA LEU A 202 -16.23 15.70 -8.42
C LEU A 202 -15.64 15.69 -7.01
N ASN A 203 -16.08 14.73 -6.19
CA ASN A 203 -15.78 14.74 -4.76
C ASN A 203 -15.41 13.37 -4.14
N SER A 204 -15.32 12.35 -4.98
CA SER A 204 -15.16 10.98 -4.47
C SER A 204 -13.92 10.25 -4.99
N LYS A 205 -13.31 9.46 -4.12
CA LYS A 205 -12.22 8.58 -4.54
C LYS A 205 -12.76 7.28 -5.11
N GLY A 206 -14.09 7.12 -5.09
CA GLY A 206 -14.68 5.85 -5.48
C GLY A 206 -14.32 4.77 -4.49
N TYR A 207 -14.53 5.05 -3.21
CA TYR A 207 -14.34 4.07 -2.16
C TYR A 207 -15.67 3.52 -1.66
N THR A 208 -16.73 3.81 -2.41
CA THR A 208 -18.07 3.42 -2.03
C THR A 208 -18.66 2.42 -3.03
N LYS A 209 -19.50 1.53 -2.53
CA LYS A 209 -20.13 0.50 -3.33
C LYS A 209 -21.02 1.07 -4.43
N SER A 210 -21.43 2.32 -4.27
CA SER A 210 -22.29 2.93 -5.26
C SER A 210 -21.59 3.09 -6.61
N ILE A 211 -20.26 3.09 -6.62
CA ILE A 211 -19.59 3.31 -7.91
C ILE A 211 -19.76 2.09 -8.85
N ASP A 212 -19.73 0.88 -8.30
CA ASP A 212 -19.98 -0.33 -9.08
C ASP A 212 -21.40 -0.35 -9.61
N ILE A 213 -22.36 0.06 -8.77
CA ILE A 213 -23.74 0.14 -9.23
C ILE A 213 -23.89 1.03 -10.45
N TRP A 214 -23.28 2.21 -10.44
CA TRP A 214 -23.30 3.10 -11.59
C TRP A 214 -22.75 2.42 -12.86
N SER A 215 -21.58 1.80 -12.75
CA SER A 215 -21.03 1.03 -13.85
C SER A 215 -22.03 0.01 -14.37
N VAL A 216 -22.67 -0.71 -13.48
CA VAL A 216 -23.67 -1.69 -13.87
C VAL A 216 -24.83 -1.07 -14.66
N GLY A 217 -25.29 0.08 -14.20
CA GLY A 217 -26.29 0.81 -14.97
C GLY A 217 -25.79 1.19 -16.36
N CYS A 218 -24.53 1.62 -16.45
CA CYS A 218 -23.93 1.96 -17.75
C CYS A 218 -23.88 0.75 -18.65
N ILE A 219 -23.52 -0.38 -18.07
CA ILE A 219 -23.46 -1.64 -18.79
C ILE A 219 -24.85 -2.03 -19.31
N LEU A 220 -25.85 -1.97 -18.44
CA LEU A 220 -27.22 -2.30 -18.81
C LEU A 220 -27.68 -1.41 -19.97
N ALA A 221 -27.44 -0.12 -19.85
CA ALA A 221 -27.80 0.82 -20.93
C ALA A 221 -27.16 0.41 -22.26
N GLU A 222 -25.92 -0.03 -22.20
CA GLU A 222 -25.23 -0.49 -23.40
C GLU A 222 -25.79 -1.80 -23.98
N MET A 223 -26.31 -2.70 -23.16
CA MET A 223 -26.90 -3.92 -23.73
C MET A 223 -28.23 -3.56 -24.40
N LEU A 224 -28.96 -2.66 -23.76
CA LEU A 224 -30.23 -2.21 -24.27
C LEU A 224 -30.13 -1.57 -25.67
N SER A 225 -29.01 -0.90 -25.97
CA SER A 225 -28.90 -0.17 -27.24
C SER A 225 -27.65 -0.41 -28.08
N ASN A 226 -26.76 -1.26 -27.59
CA ASN A 226 -25.52 -1.60 -28.28
C ASN A 226 -24.49 -0.49 -28.40
N ARG A 227 -24.70 0.63 -27.70
CA ARG A 227 -23.72 1.73 -27.69
C ARG A 227 -23.52 2.27 -26.26
N PRO A 228 -22.28 2.65 -25.92
CA PRO A 228 -22.06 3.26 -24.60
C PRO A 228 -22.91 4.50 -24.43
N ILE A 229 -23.55 4.61 -23.28
CA ILE A 229 -24.47 5.72 -23.03
C ILE A 229 -23.74 7.05 -22.79
N PHE A 230 -22.56 7.00 -22.15
CA PHE A 230 -21.81 8.22 -21.85
C PHE A 230 -20.39 8.18 -22.38
N PRO A 231 -20.19 8.32 -23.69
CA PRO A 231 -18.84 8.18 -24.25
C PRO A 231 -18.03 9.48 -24.34
N GLY A 232 -17.69 10.07 -23.19
CA GLY A 232 -16.88 11.27 -23.15
C GLY A 232 -15.43 11.05 -23.56
N LYS A 233 -14.78 12.12 -24.03
CA LYS A 233 -13.42 12.05 -24.57
C LYS A 233 -12.37 12.56 -23.57
N HIS A 234 -12.85 13.14 -22.47
CA HIS A 234 -11.99 13.61 -21.41
C HIS A 234 -12.85 14.05 -20.23
N TYR A 235 -12.20 14.32 -19.11
CA TYR A 235 -12.82 14.70 -17.84
C TYR A 235 -14.09 15.55 -17.88
N LEU A 236 -13.99 16.77 -18.41
CA LEU A 236 -15.16 17.65 -18.46
C LEU A 236 -16.22 17.13 -19.43
N ASP A 237 -15.78 16.50 -20.50
CA ASP A 237 -16.71 16.04 -21.52
C ASP A 237 -17.54 14.88 -20.95
N GLN A 238 -16.90 14.05 -20.12
CA GLN A 238 -17.57 12.93 -19.48
C GLN A 238 -18.75 13.43 -18.66
N LEU A 239 -18.50 14.49 -17.90
CA LEU A 239 -19.57 15.09 -17.12
C LEU A 239 -20.67 15.66 -18.03
N ASN A 240 -20.27 16.26 -19.13
CA ASN A 240 -21.24 16.88 -20.03
C ASN A 240 -22.14 15.82 -20.65
N HIS A 241 -21.58 14.67 -20.99
CA HIS A 241 -22.42 13.56 -21.44
C HIS A 241 -23.43 13.13 -20.38
N ILE A 242 -22.94 12.93 -19.16
CA ILE A 242 -23.79 12.40 -18.07
C ILE A 242 -24.96 13.33 -17.78
N LEU A 243 -24.66 14.62 -17.64
CA LEU A 243 -25.64 15.65 -17.31
C LEU A 243 -26.60 15.90 -18.47
N GLY A 244 -26.16 15.60 -19.69
CA GLY A 244 -26.99 15.82 -20.84
C GLY A 244 -28.18 14.88 -20.85
N ILE A 245 -28.04 13.75 -20.14
CA ILE A 245 -29.11 12.77 -20.01
C ILE A 245 -29.77 12.93 -18.64
N LEU A 246 -28.95 12.98 -17.60
CA LEU A 246 -29.49 13.03 -16.25
C LEU A 246 -30.02 14.42 -15.89
N GLY A 247 -29.70 15.44 -16.69
CA GLY A 247 -30.14 16.78 -16.38
C GLY A 247 -29.30 17.43 -15.30
N SER A 248 -29.36 18.75 -15.23
CA SER A 248 -28.56 19.50 -14.26
C SER A 248 -28.97 19.05 -12.87
N PRO A 249 -27.99 18.92 -11.98
CA PRO A 249 -28.31 18.36 -10.66
C PRO A 249 -29.02 19.35 -9.73
N SER A 250 -29.73 18.79 -8.74
CA SER A 250 -30.45 19.57 -7.74
C SER A 250 -29.49 20.11 -6.71
N GLN A 251 -29.81 21.25 -6.11
CA GLN A 251 -28.91 21.92 -5.18
C GLN A 251 -28.37 21.04 -4.04
N GLU A 252 -29.14 20.02 -3.66
CA GLU A 252 -28.76 19.10 -2.60
C GLU A 252 -27.79 18.04 -3.11
N ASP A 253 -28.03 17.57 -4.34
CA ASP A 253 -27.07 16.73 -5.05
C ASP A 253 -25.77 17.53 -5.22
N LEU A 254 -25.91 18.83 -5.43
CA LEU A 254 -24.80 19.76 -5.37
C LEU A 254 -24.50 19.98 -3.90
N ASN A 255 -23.31 20.44 -3.58
CA ASN A 255 -22.98 20.74 -2.18
C ASN A 255 -23.29 19.61 -1.17
N CYS A 256 -23.43 18.39 -1.69
CA CYS A 256 -23.28 17.15 -0.93
C CYS A 256 -21.83 16.87 -1.25
N ILE A 257 -21.28 17.84 -1.97
CA ILE A 257 -19.94 17.89 -2.46
C ILE A 257 -18.94 17.94 -1.31
N ILE A 258 -17.77 17.37 -1.54
CA ILE A 258 -16.63 17.55 -0.66
C ILE A 258 -15.74 18.58 -1.35
N ASN A 259 -16.24 19.13 -2.46
CA ASN A 259 -15.51 20.14 -3.21
C ASN A 259 -16.41 21.24 -3.78
N LEU A 260 -16.53 22.36 -3.08
CA LEU A 260 -17.32 23.48 -3.59
C LEU A 260 -16.57 24.36 -4.61
N LYS A 261 -15.42 23.88 -5.10
CA LYS A 261 -14.57 24.61 -6.05
C LYS A 261 -14.45 23.96 -7.43
N ALA A 262 -15.10 22.81 -7.60
CA ALA A 262 -15.34 22.26 -8.93
C ALA A 262 -16.84 22.40 -9.13
N ARG A 263 -17.51 22.72 -8.02
CA ARG A 263 -18.94 23.04 -8.00
C ARG A 263 -19.18 24.35 -8.74
N ASN A 264 -18.24 25.27 -8.62
CA ASN A 264 -18.26 26.51 -9.40
C ASN A 264 -18.30 26.16 -10.89
N TYR A 265 -17.44 25.25 -11.31
CA TYR A 265 -17.46 24.74 -12.68
C TYR A 265 -18.84 24.23 -13.09
N LEU A 266 -19.48 23.48 -12.19
CA LEU A 266 -20.83 23.00 -12.45
C LEU A 266 -21.80 24.16 -12.71
N LEU A 267 -21.73 25.20 -11.86
CA LEU A 267 -22.59 26.37 -11.99
C LEU A 267 -22.46 27.06 -13.35
N SER A 268 -21.25 27.04 -13.91
CA SER A 268 -20.97 27.65 -15.21
C SER A 268 -21.77 27.03 -16.37
N LEU A 269 -22.38 25.88 -16.13
CA LEU A 269 -23.07 25.16 -17.21
C LEU A 269 -24.55 25.53 -17.30
N PRO A 270 -25.07 25.65 -18.54
CA PRO A 270 -26.49 25.97 -18.73
C PRO A 270 -27.35 24.87 -18.15
N HIS A 271 -28.52 25.23 -17.64
CA HIS A 271 -29.43 24.21 -17.14
C HIS A 271 -29.85 23.31 -18.30
N LYS A 272 -29.85 22.00 -18.07
CA LYS A 272 -30.30 21.05 -19.07
C LYS A 272 -31.36 20.21 -18.38
N ASN A 273 -32.38 19.77 -19.13
CA ASN A 273 -33.42 18.92 -18.54
C ASN A 273 -33.09 17.42 -18.59
N LYS A 274 -33.79 16.66 -17.77
CA LYS A 274 -33.60 15.22 -17.70
C LYS A 274 -34.29 14.56 -18.86
N VAL A 275 -33.51 14.01 -19.78
CA VAL A 275 -34.04 13.32 -20.96
C VAL A 275 -34.63 11.98 -20.55
N PRO A 276 -35.96 11.86 -20.51
CA PRO A 276 -36.58 10.61 -20.02
C PRO A 276 -36.06 9.36 -20.72
N TRP A 277 -35.88 8.29 -19.94
CA TRP A 277 -35.28 7.06 -20.42
C TRP A 277 -36.03 6.37 -21.56
N ASN A 278 -37.27 6.76 -21.83
CA ASN A 278 -38.01 6.14 -22.92
C ASN A 278 -37.74 6.79 -24.27
N ARG A 279 -37.14 7.98 -24.25
CA ARG A 279 -36.71 8.63 -25.48
C ARG A 279 -35.43 8.02 -26.05
N LEU A 280 -34.45 7.79 -25.17
CA LEU A 280 -33.40 6.84 -25.48
C LEU A 280 -34.14 5.52 -25.30
N PHE A 281 -33.61 4.42 -25.82
CA PHE A 281 -34.21 3.08 -25.59
C PHE A 281 -35.76 2.99 -25.69
N PRO A 282 -36.33 3.39 -26.84
CA PRO A 282 -37.79 3.42 -26.95
C PRO A 282 -38.46 2.05 -26.84
N ASN A 283 -37.70 0.99 -27.10
CA ASN A 283 -38.28 -0.34 -27.13
C ASN A 283 -37.97 -1.16 -25.89
N ALA A 284 -37.16 -0.61 -25.00
CA ALA A 284 -36.81 -1.33 -23.80
C ALA A 284 -38.03 -1.64 -22.91
N ASP A 285 -37.94 -2.74 -22.17
CA ASP A 285 -38.90 -3.17 -21.17
C ASP A 285 -38.98 -2.12 -20.07
N SER A 286 -40.19 -1.67 -19.75
CA SER A 286 -40.43 -0.64 -18.74
C SER A 286 -39.77 -0.94 -17.38
N LYS A 287 -39.61 -2.22 -17.05
CA LYS A 287 -39.01 -2.60 -15.77
C LYS A 287 -37.51 -2.50 -15.81
N ALA A 288 -36.94 -2.65 -16.99
CA ALA A 288 -35.50 -2.53 -17.15
C ALA A 288 -35.15 -1.05 -17.07
N LEU A 289 -35.94 -0.23 -17.76
CA LEU A 289 -35.73 1.21 -17.76
C LEU A 289 -35.86 1.76 -16.35
N ASP A 290 -36.81 1.23 -15.58
CA ASP A 290 -36.98 1.67 -14.21
C ASP A 290 -35.78 1.32 -13.33
N LEU A 291 -35.26 0.11 -13.49
CA LEU A 291 -34.07 -0.31 -12.75
C LEU A 291 -32.86 0.51 -13.21
N LEU A 292 -32.77 0.78 -14.51
CA LEU A 292 -31.75 1.68 -15.05
C LEU A 292 -31.79 3.05 -14.38
N ASP A 293 -32.99 3.62 -14.21
CA ASP A 293 -33.13 4.92 -13.57
C ASP A 293 -32.54 4.87 -12.16
N LYS A 294 -32.82 3.79 -11.46
CA LYS A 294 -32.33 3.66 -10.09
C LYS A 294 -30.84 3.38 -9.97
N MET A 295 -30.23 2.87 -11.04
CA MET A 295 -28.80 2.58 -10.97
C MET A 295 -27.99 3.80 -11.41
N LEU A 296 -28.52 4.55 -12.38
CA LEU A 296 -27.86 5.76 -12.82
C LEU A 296 -28.51 6.99 -12.18
N THR A 297 -28.46 7.09 -10.85
CA THR A 297 -28.86 8.31 -10.19
C THR A 297 -27.62 9.09 -9.84
N PHE A 298 -27.65 10.39 -10.10
CA PHE A 298 -26.51 11.27 -9.87
C PHE A 298 -25.99 11.23 -8.43
N ASN A 299 -26.90 11.24 -7.48
CA ASN A 299 -26.51 11.20 -6.09
C ASN A 299 -26.22 9.77 -5.63
N PRO A 300 -24.95 9.49 -5.27
CA PRO A 300 -24.58 8.13 -4.87
C PRO A 300 -25.38 7.62 -3.70
N HIS A 301 -25.70 8.51 -2.77
CA HIS A 301 -26.51 8.16 -1.60
C HIS A 301 -27.93 7.72 -1.92
N LYS A 302 -28.50 8.25 -3.00
CA LYS A 302 -29.85 7.86 -3.42
C LYS A 302 -29.80 6.70 -4.41
N ARG A 303 -28.61 6.14 -4.60
CA ARG A 303 -28.44 5.12 -5.63
C ARG A 303 -28.74 3.69 -5.13
N ILE A 304 -29.40 2.91 -5.96
CA ILE A 304 -29.86 1.58 -5.54
C ILE A 304 -28.67 0.70 -5.18
N GLU A 305 -28.83 -0.14 -4.16
CA GLU A 305 -27.77 -1.04 -3.70
C GLU A 305 -27.91 -2.41 -4.34
N VAL A 306 -26.91 -3.26 -4.14
CA VAL A 306 -26.87 -4.54 -4.84
C VAL A 306 -28.02 -5.46 -4.47
N GLU A 307 -28.29 -5.63 -3.18
CA GLU A 307 -29.42 -6.45 -2.76
C GLU A 307 -30.73 -5.88 -3.28
N GLN A 308 -30.92 -4.57 -3.14
CA GLN A 308 -32.12 -3.94 -3.67
C GLN A 308 -32.31 -4.20 -5.16
N ALA A 309 -31.25 -4.00 -5.95
CA ALA A 309 -31.32 -4.19 -7.40
C ALA A 309 -31.69 -5.62 -7.77
N LEU A 310 -31.06 -6.60 -7.13
CA LEU A 310 -31.41 -8.01 -7.31
C LEU A 310 -32.90 -8.25 -7.09
N ALA A 311 -33.44 -7.53 -6.12
CA ALA A 311 -34.84 -7.67 -5.75
C ALA A 311 -35.79 -6.86 -6.61
N HIS A 312 -35.25 -6.04 -7.52
CA HIS A 312 -36.11 -5.25 -8.41
C HIS A 312 -36.99 -6.17 -9.24
N PRO A 313 -38.21 -5.72 -9.56
CA PRO A 313 -39.16 -6.50 -10.36
C PRO A 313 -38.63 -6.92 -11.72
N TYR A 314 -37.57 -6.29 -12.20
CA TYR A 314 -37.04 -6.66 -13.51
C TYR A 314 -36.37 -8.01 -13.45
N LEU A 315 -35.93 -8.41 -12.26
CA LEU A 315 -35.13 -9.63 -12.08
C LEU A 315 -35.86 -10.68 -11.23
N ALA A 316 -37.18 -10.61 -11.20
CA ALA A 316 -37.96 -11.44 -10.29
C ALA A 316 -37.82 -12.93 -10.59
N GLN A 317 -37.74 -13.27 -11.88
CA GLN A 317 -37.65 -14.66 -12.29
C GLN A 317 -36.39 -15.37 -11.77
N TYR A 318 -35.30 -14.62 -11.68
CA TYR A 318 -34.03 -15.21 -11.29
C TYR A 318 -33.71 -14.93 -9.83
N TYR A 319 -34.47 -14.04 -9.22
CA TYR A 319 -34.19 -13.64 -7.86
C TYR A 319 -34.33 -14.82 -6.90
N ASP A 320 -33.26 -15.09 -6.15
CA ASP A 320 -33.22 -16.23 -5.25
C ASP A 320 -32.12 -16.03 -4.22
N PRO A 321 -32.44 -15.38 -3.09
CA PRO A 321 -31.46 -15.16 -2.03
C PRO A 321 -30.76 -16.43 -1.54
N SER A 322 -31.45 -17.58 -1.61
CA SER A 322 -30.88 -18.83 -1.11
C SER A 322 -29.84 -19.43 -2.05
N ASP A 323 -29.98 -19.13 -3.34
CA ASP A 323 -28.95 -19.46 -4.32
C ASP A 323 -28.27 -18.18 -4.85
N GLU A 324 -27.89 -17.31 -3.93
CA GLU A 324 -27.11 -16.13 -4.22
C GLU A 324 -26.08 -15.97 -3.11
N PRO A 325 -24.95 -16.66 -3.23
CA PRO A 325 -23.90 -16.74 -2.23
C PRO A 325 -23.24 -15.42 -1.86
N ILE A 326 -22.83 -15.36 -0.61
CA ILE A 326 -22.26 -14.20 0.04
C ILE A 326 -20.91 -14.63 0.61
N ALA A 327 -19.93 -13.73 0.59
CA ALA A 327 -18.61 -14.05 1.14
C ALA A 327 -18.67 -14.51 2.58
N GLU A 328 -17.69 -15.33 2.97
CA GLU A 328 -17.62 -15.84 4.34
C GLU A 328 -17.22 -14.74 5.31
N ALA A 329 -16.27 -13.89 4.90
CA ALA A 329 -15.79 -12.80 5.73
C ALA A 329 -15.37 -11.65 4.84
N PRO A 330 -15.20 -10.46 5.42
CA PRO A 330 -14.58 -9.40 4.62
C PRO A 330 -13.16 -9.76 4.21
N PHE A 331 -12.79 -9.35 3.02
CA PHE A 331 -11.46 -9.51 2.50
C PHE A 331 -10.66 -8.42 3.17
N LYS A 332 -9.37 -8.67 3.36
CA LYS A 332 -8.47 -7.65 3.86
C LYS A 332 -7.13 -7.85 3.20
N PHE A 333 -6.54 -6.77 2.71
CA PHE A 333 -5.23 -6.83 2.09
C PHE A 333 -4.11 -7.13 3.08
N ASP A 334 -4.07 -6.36 4.17
CA ASP A 334 -3.08 -6.46 5.26
C ASP A 334 -1.85 -5.57 5.04
N MET A 335 -1.44 -5.40 3.79
CA MET A 335 -0.46 -4.37 3.46
C MET A 335 -1.15 -3.38 2.52
N GLU A 336 -0.80 -2.11 2.61
CA GLU A 336 -1.24 -1.15 1.59
C GLU A 336 -0.38 -1.37 0.34
N LEU A 337 -1.02 -1.75 -0.76
CA LEU A 337 -0.29 -2.00 -2.00
C LEU A 337 0.13 -0.72 -2.78
N ASP A 338 -0.78 0.23 -2.92
CA ASP A 338 -0.51 1.52 -3.60
C ASP A 338 0.85 2.11 -3.22
N ASP A 339 1.31 1.82 -2.01
CA ASP A 339 2.44 2.53 -1.43
C ASP A 339 3.76 1.75 -1.33
N LEU A 340 3.81 0.55 -1.88
CA LEU A 340 5.05 -0.22 -1.88
C LEU A 340 5.78 -0.03 -3.20
N PRO A 341 7.11 0.07 -3.15
CA PRO A 341 7.92 0.11 -4.37
C PRO A 341 7.79 -1.20 -5.15
N LYS A 342 7.95 -1.14 -6.47
CA LYS A 342 7.86 -2.33 -7.34
C LYS A 342 8.76 -3.50 -6.94
N GLU A 343 9.92 -3.22 -6.36
CA GLU A 343 10.80 -4.27 -5.85
C GLU A 343 10.12 -5.08 -4.75
N LYS A 344 9.48 -4.39 -3.83
CA LYS A 344 8.79 -5.04 -2.74
C LYS A 344 7.65 -5.84 -3.34
N LEU A 345 6.97 -5.22 -4.30
CA LEU A 345 5.76 -5.75 -4.86
C LEU A 345 6.08 -7.03 -5.65
N LYS A 346 7.21 -6.99 -6.36
CA LYS A 346 7.70 -8.15 -7.07
C LYS A 346 7.91 -9.29 -6.09
N GLU A 347 8.56 -9.00 -4.96
CA GLU A 347 8.79 -10.01 -3.92
C GLU A 347 7.49 -10.61 -3.39
N LEU A 348 6.51 -9.75 -3.12
CA LEU A 348 5.20 -10.19 -2.69
C LEU A 348 4.55 -11.07 -3.77
N ILE A 349 4.64 -10.63 -5.02
CA ILE A 349 4.12 -11.42 -6.13
C ILE A 349 4.74 -12.83 -6.17
N PHE A 350 6.04 -12.90 -5.93
CA PHE A 350 6.77 -14.14 -5.85
C PHE A 350 6.23 -15.04 -4.74
N GLU A 351 6.06 -14.50 -3.55
CA GLU A 351 5.64 -15.30 -2.41
C GLU A 351 4.17 -15.70 -2.52
N GLU A 352 3.37 -14.82 -3.11
CA GLU A 352 1.96 -15.09 -3.34
C GLU A 352 1.73 -16.24 -4.36
N THR A 353 2.66 -16.44 -5.29
CA THR A 353 2.48 -17.46 -6.32
C THR A 353 3.19 -18.79 -6.00
N ALA A 354 3.91 -18.83 -4.89
CA ALA A 354 4.68 -20.00 -4.50
C ALA A 354 3.82 -21.25 -4.27
N ARG A 355 2.54 -21.06 -3.96
CA ARG A 355 1.64 -22.18 -3.71
C ARG A 355 1.40 -23.07 -4.97
N PHE A 356 1.74 -22.55 -6.14
CA PHE A 356 1.59 -23.29 -7.40
C PHE A 356 2.91 -23.88 -7.81
N GLN A 357 3.94 -23.65 -7.01
CA GLN A 357 5.21 -24.28 -7.25
C GLN A 357 5.27 -25.67 -6.60
N PRO A 358 5.91 -26.63 -7.28
CA PRO A 358 6.21 -27.97 -6.73
C PRO A 358 7.09 -27.90 -5.49
N GLY A 359 6.70 -28.60 -4.42
CA GLY A 359 7.49 -28.64 -3.21
C GLY A 359 7.42 -27.39 -2.33
N TYR A 360 6.26 -26.74 -2.30
CA TYR A 360 6.09 -25.59 -1.42
C TYR A 360 5.59 -26.00 -0.02
N ARG A 361 6.23 -25.46 1.01
CA ARG A 361 5.76 -25.59 2.39
C ARG A 361 6.05 -24.31 3.15
N PRO B 13 -7.60 27.77 3.27
CA PRO B 13 -6.29 27.41 3.83
C PRO B 13 -5.20 27.51 2.78
N GLU B 14 -3.99 27.13 3.16
CA GLU B 14 -2.91 27.04 2.20
C GLU B 14 -2.86 25.62 1.60
N MET B 15 -2.45 25.54 0.33
CA MET B 15 -2.38 24.30 -0.40
C MET B 15 -0.94 24.06 -0.82
N VAL B 16 -0.44 22.84 -0.62
CA VAL B 16 0.94 22.53 -0.97
C VAL B 16 0.93 21.36 -1.89
N ARG B 17 1.54 21.50 -3.08
CA ARG B 17 1.50 20.47 -4.12
C ARG B 17 0.12 19.80 -4.24
N GLY B 18 -0.93 20.60 -4.32
CA GLY B 18 -2.24 20.05 -4.61
C GLY B 18 -3.07 19.66 -3.41
N GLN B 19 -2.54 19.85 -2.21
CA GLN B 19 -3.18 19.36 -0.99
C GLN B 19 -3.40 20.46 0.05
N VAL B 20 -4.56 20.43 0.70
CA VAL B 20 -4.81 21.31 1.84
C VAL B 20 -3.96 20.97 3.08
N PHE B 21 -3.32 21.99 3.62
CA PHE B 21 -2.66 21.94 4.91
C PHE B 21 -3.47 22.88 5.80
N ASP B 22 -4.43 22.34 6.52
CA ASP B 22 -5.34 23.16 7.33
C ASP B 22 -4.73 23.40 8.69
N VAL B 23 -3.78 24.33 8.77
CA VAL B 23 -3.01 24.57 9.98
C VAL B 23 -3.02 26.04 10.43
N GLY B 24 -3.66 26.91 9.67
CA GLY B 24 -3.79 28.30 10.04
C GLY B 24 -4.88 28.48 11.10
N PRO B 25 -4.95 29.67 11.70
CA PRO B 25 -4.05 30.78 11.38
C PRO B 25 -2.73 30.76 12.17
N ARG B 26 -2.58 29.90 13.15
CA ARG B 26 -1.33 29.90 13.89
C ARG B 26 -0.11 29.58 13.01
N TYR B 27 -0.28 28.63 12.09
CA TYR B 27 0.84 28.18 11.28
C TYR B 27 0.75 28.69 9.85
N THR B 28 1.81 29.36 9.37
CA THR B 28 1.76 30.00 8.05
C THR B 28 3.05 29.80 7.25
N ASN B 29 3.10 30.33 6.04
CA ASN B 29 4.28 30.15 5.18
C ASN B 29 4.78 28.69 5.01
N LEU B 30 3.87 27.81 4.65
CA LEU B 30 4.23 26.40 4.42
C LEU B 30 5.12 26.20 3.20
N SER B 31 6.27 25.54 3.38
CA SER B 31 7.06 25.08 2.22
C SER B 31 7.24 23.57 2.27
N TYR B 32 6.81 22.90 1.20
CA TYR B 32 7.01 21.45 1.03
C TYR B 32 8.47 20.99 1.29
N ILE B 33 8.68 20.06 2.22
CA ILE B 33 10.02 19.50 2.40
C ILE B 33 10.14 18.11 1.80
N GLY B 34 9.21 17.22 2.15
CA GLY B 34 9.23 15.83 1.73
C GLY B 34 7.89 15.12 1.91
N GLU B 35 7.81 13.88 1.43
CA GLU B 35 6.56 13.15 1.25
C GLU B 35 6.77 11.71 1.66
N GLY B 36 5.81 11.12 2.33
CA GLY B 36 5.83 9.68 2.58
C GLY B 36 4.58 9.03 2.03
N ALA B 37 4.39 7.74 2.31
CA ALA B 37 3.29 6.98 1.72
C ALA B 37 1.90 7.48 2.12
N TYR B 38 1.80 8.00 3.34
CA TYR B 38 0.55 8.57 3.82
C TYR B 38 0.81 9.90 4.52
N GLY B 39 1.93 10.53 4.17
CA GLY B 39 2.34 11.74 4.87
C GLY B 39 3.20 12.76 4.12
N MET B 40 2.78 14.02 4.17
CA MET B 40 3.57 15.08 3.59
C MET B 40 4.11 16.03 4.65
N VAL B 41 5.43 16.23 4.67
CA VAL B 41 6.10 17.15 5.61
C VAL B 41 6.37 18.54 4.98
N CYS B 42 6.08 19.61 5.74
CA CYS B 42 6.45 20.99 5.34
C CYS B 42 7.19 21.79 6.43
N SER B 43 7.91 22.82 6.01
CA SER B 43 8.39 23.84 6.92
C SER B 43 7.27 24.87 7.08
N ALA B 44 7.18 25.52 8.23
CA ALA B 44 6.17 26.53 8.45
C ALA B 44 6.65 27.58 9.48
N TYR B 45 5.85 28.60 9.68
CA TYR B 45 6.16 29.60 10.68
C TYR B 45 5.07 29.62 11.73
N ASP B 46 5.48 29.43 12.97
CA ASP B 46 4.54 29.49 14.06
C ASP B 46 4.46 30.95 14.48
N ASN B 47 3.32 31.57 14.21
CA ASN B 47 3.12 32.98 14.52
C ASN B 47 2.85 33.25 15.98
N VAL B 48 2.45 32.23 16.72
CA VAL B 48 2.08 32.41 18.10
C VAL B 48 3.37 32.37 18.90
N ASN B 49 4.22 31.38 18.66
CA ASN B 49 5.53 31.38 19.31
C ASN B 49 6.67 32.07 18.56
N LYS B 50 6.46 32.38 17.28
CA LYS B 50 7.46 33.09 16.48
C LYS B 50 8.67 32.23 16.23
N VAL B 51 8.44 31.10 15.59
CA VAL B 51 9.47 30.13 15.41
C VAL B 51 9.17 29.33 14.14
N ARG B 52 10.22 28.85 13.49
CA ARG B 52 10.02 27.99 12.32
C ARG B 52 9.84 26.57 12.83
N VAL B 53 8.91 25.85 12.24
CA VAL B 53 8.60 24.49 12.70
C VAL B 53 8.51 23.56 11.49
N ALA B 54 8.39 22.26 11.76
CA ALA B 54 8.05 21.30 10.72
C ALA B 54 6.66 20.77 11.00
N ILE B 55 5.88 20.61 9.94
CA ILE B 55 4.56 20.03 10.09
C ILE B 55 4.37 18.80 9.19
N LYS B 56 4.06 17.67 9.81
CA LYS B 56 3.75 16.46 9.07
C LYS B 56 2.25 16.31 9.00
N LYS B 57 1.70 16.32 7.79
CA LYS B 57 0.31 15.94 7.60
C LYS B 57 0.33 14.42 7.45
N ILE B 58 -0.44 13.72 8.27
CA ILE B 58 -0.58 12.28 8.21
C ILE B 58 -2.03 11.94 7.99
N SER B 59 -2.30 11.08 7.02
CA SER B 59 -3.66 10.62 6.78
C SER B 59 -3.63 9.12 6.83
N PRO B 60 -3.76 8.54 8.03
CA PRO B 60 -3.51 7.11 8.23
C PRO B 60 -4.75 6.28 8.39
N PHE B 61 -5.90 6.91 8.36
CA PHE B 61 -7.14 6.30 8.80
C PHE B 61 -7.73 5.25 7.84
N GLU B 62 -7.20 5.17 6.62
CA GLU B 62 -7.63 4.13 5.68
C GLU B 62 -7.08 2.76 6.03
N HIS B 63 -5.98 2.74 6.76
CA HIS B 63 -5.30 1.46 6.98
C HIS B 63 -4.88 1.27 8.43
N GLN B 64 -5.08 0.04 8.90
CA GLN B 64 -4.94 -0.32 10.30
C GLN B 64 -3.49 -0.13 10.65
N THR B 65 -2.64 -0.55 9.73
CA THR B 65 -1.21 -0.52 9.93
C THR B 65 -0.71 0.93 10.11
N TYR B 66 -1.29 1.88 9.37
CA TYR B 66 -0.85 3.26 9.47
C TYR B 66 -1.38 3.90 10.77
N CYS B 67 -2.63 3.60 11.11
CA CYS B 67 -3.22 4.07 12.35
C CYS B 67 -2.37 3.60 13.50
N GLN B 68 -1.86 2.39 13.40
CA GLN B 68 -1.10 1.82 14.49
C GLN B 68 0.26 2.49 14.58
N ARG B 69 0.85 2.78 13.43
CA ARG B 69 2.17 3.43 13.41
C ARG B 69 2.05 4.83 13.98
N THR B 70 0.97 5.51 13.64
CA THR B 70 0.75 6.90 14.03
C THR B 70 0.61 7.01 15.55
N LEU B 71 -0.16 6.09 16.14
CA LEU B 71 -0.43 6.09 17.56
C LEU B 71 0.82 5.78 18.37
N ARG B 72 1.63 4.84 17.91
CA ARG B 72 2.89 4.54 18.58
C ARG B 72 3.82 5.74 18.58
N GLU B 73 3.98 6.34 17.40
CA GLU B 73 4.80 7.54 17.26
C GLU B 73 4.35 8.59 18.27
N ILE B 74 3.10 8.98 18.21
CA ILE B 74 2.56 10.00 19.12
C ILE B 74 2.81 9.68 20.59
N LYS B 75 2.47 8.47 21.01
CA LYS B 75 2.59 8.08 22.42
C LYS B 75 4.05 8.07 22.89
N ILE B 76 4.93 7.51 22.08
CA ILE B 76 6.34 7.47 22.42
C ILE B 76 7.05 8.83 22.40
N LEU B 77 6.72 9.67 21.42
CA LEU B 77 7.39 10.98 21.31
C LEU B 77 6.92 11.94 22.38
N LEU B 78 5.65 11.82 22.79
CA LEU B 78 5.10 12.64 23.86
C LEU B 78 5.67 12.21 25.20
N ALA B 79 5.88 10.90 25.38
CA ALA B 79 6.46 10.34 26.59
C ALA B 79 7.98 10.52 26.70
N PHE B 80 8.67 10.69 25.57
CA PHE B 80 10.12 10.91 25.61
C PHE B 80 10.53 12.39 25.72
N ARG B 81 11.65 12.64 26.38
CA ARG B 81 12.16 13.98 26.57
C ARG B 81 13.68 13.88 26.56
N HIS B 82 14.26 14.12 25.39
CA HIS B 82 15.70 13.96 25.24
C HIS B 82 16.24 14.81 24.08
N GLU B 83 17.48 15.31 24.23
CA GLU B 83 18.12 16.18 23.23
C GLU B 83 18.26 15.51 21.86
N ASN B 84 18.48 14.19 21.85
CA ASN B 84 18.80 13.49 20.62
C ASN B 84 17.65 12.73 20.00
N ILE B 85 16.45 13.10 20.42
CA ILE B 85 15.22 12.46 19.96
C ILE B 85 14.26 13.57 19.62
N ILE B 86 13.56 13.46 18.51
CA ILE B 86 12.68 14.53 18.10
C ILE B 86 11.47 14.58 19.05
N GLY B 87 10.88 15.77 19.23
CA GLY B 87 9.70 15.90 20.07
C GLY B 87 8.47 16.13 19.23
N ILE B 88 7.32 16.19 19.87
CA ILE B 88 6.11 16.75 19.30
C ILE B 88 5.76 18.06 20.05
N ASN B 89 5.67 19.17 19.30
CA ASN B 89 5.32 20.49 19.81
C ASN B 89 3.81 20.69 19.93
N ASP B 90 3.06 20.19 18.98
CA ASP B 90 1.65 20.50 18.88
C ASP B 90 1.05 19.46 17.93
N ILE B 91 -0.26 19.27 17.99
CA ILE B 91 -0.92 18.37 17.07
C ILE B 91 -2.23 18.99 16.68
N ILE B 92 -2.48 19.10 15.40
CA ILE B 92 -3.72 19.70 14.95
C ILE B 92 -4.61 18.62 14.35
N ARG B 93 -5.89 18.64 14.71
CA ARG B 93 -6.92 17.85 14.03
C ARG B 93 -8.30 18.42 14.33
N ALA B 94 -9.30 18.02 13.54
CA ALA B 94 -10.68 18.46 13.68
C ALA B 94 -11.32 18.26 15.08
N PRO B 95 -12.38 19.02 15.38
CA PRO B 95 -13.00 18.97 16.71
C PRO B 95 -13.82 17.71 16.97
N THR B 96 -14.37 17.12 15.92
CA THR B 96 -15.12 15.88 16.09
C THR B 96 -14.49 14.76 15.29
N ILE B 97 -14.62 13.55 15.82
CA ILE B 97 -14.08 12.36 15.19
C ILE B 97 -14.47 12.19 13.71
N GLU B 98 -15.72 12.49 13.36
CA GLU B 98 -16.17 12.31 11.97
C GLU B 98 -15.46 13.24 10.98
N GLN B 99 -15.02 14.40 11.47
CA GLN B 99 -14.38 15.38 10.61
C GLN B 99 -12.88 15.09 10.49
N MET B 100 -12.33 14.37 11.47
CA MET B 100 -10.90 14.09 11.49
C MET B 100 -10.51 13.12 10.39
N LYS B 101 -9.91 13.65 9.32
CA LYS B 101 -9.49 12.83 8.18
C LYS B 101 -7.97 12.81 8.13
N ASP B 102 -7.36 13.74 8.87
CA ASP B 102 -5.93 13.95 8.87
C ASP B 102 -5.52 14.42 10.23
N VAL B 103 -4.23 14.29 10.51
CA VAL B 103 -3.65 14.75 11.76
C VAL B 103 -2.35 15.47 11.40
N TYR B 104 -2.07 16.61 12.04
CA TYR B 104 -0.82 17.31 11.78
C TYR B 104 0.08 17.32 12.99
N ILE B 105 1.31 16.86 12.82
CA ILE B 105 2.28 16.83 13.90
C ILE B 105 3.26 17.99 13.73
N VAL B 106 3.27 18.93 14.67
CA VAL B 106 4.24 20.03 14.62
C VAL B 106 5.46 19.63 15.43
N GLN B 107 6.63 19.75 14.83
CA GLN B 107 7.90 19.35 15.45
C GLN B 107 8.90 20.45 15.22
N ASP B 108 10.01 20.46 15.97
CA ASP B 108 11.10 21.38 15.67
C ASP B 108 11.54 21.18 14.24
N LEU B 109 11.81 22.28 13.55
CA LEU B 109 12.26 22.20 12.17
C LEU B 109 13.72 21.79 12.14
N MET B 110 14.02 20.69 11.46
CA MET B 110 15.42 20.34 11.26
C MET B 110 15.84 20.71 9.82
N GLU B 111 17.12 21.00 9.62
CA GLU B 111 17.58 21.40 8.29
C GLU B 111 17.63 20.25 7.30
N THR B 112 18.10 19.09 7.73
CA THR B 112 18.16 17.93 6.85
C THR B 112 18.11 16.63 7.64
N ASP B 113 18.32 15.52 6.93
CA ASP B 113 18.54 14.22 7.55
C ASP B 113 19.78 13.56 6.96
N LEU B 114 20.29 12.54 7.64
CA LEU B 114 21.57 11.96 7.26
C LEU B 114 21.52 11.23 5.92
N TYR B 115 20.36 10.70 5.56
CA TYR B 115 20.21 10.16 4.21
C TYR B 115 20.44 11.21 3.12
N LYS B 116 19.84 12.40 3.26
CA LYS B 116 19.98 13.41 2.22
C LYS B 116 21.38 14.00 2.22
N LEU B 117 21.91 14.20 3.43
CA LEU B 117 23.26 14.69 3.65
C LEU B 117 24.29 13.82 2.93
N LEU B 118 24.12 12.50 3.07
CA LEU B 118 25.09 11.54 2.54
C LEU B 118 25.10 11.47 1.01
N LYS B 119 24.08 12.02 0.38
CA LYS B 119 23.98 12.05 -1.07
C LYS B 119 24.85 13.14 -1.68
N THR B 120 25.22 14.10 -0.85
CA THR B 120 25.88 15.28 -1.37
C THR B 120 27.15 15.60 -0.62
N GLN B 121 27.45 14.88 0.45
CA GLN B 121 28.60 15.25 1.24
C GLN B 121 29.37 14.08 1.82
N HIS B 122 30.68 14.12 1.63
CA HIS B 122 31.57 13.18 2.27
C HIS B 122 31.87 13.68 3.67
N LEU B 123 31.55 12.87 4.66
CA LEU B 123 31.78 13.26 6.05
C LEU B 123 33.20 13.01 6.49
N SER B 124 33.72 13.92 7.32
CA SER B 124 35.00 13.74 7.97
C SER B 124 34.85 12.84 9.19
N ASN B 125 35.92 12.15 9.57
CA ASN B 125 35.88 11.29 10.77
C ASN B 125 35.35 12.05 11.99
N ASP B 126 35.58 13.35 11.99
CA ASP B 126 35.07 14.25 13.03
C ASP B 126 33.53 14.22 13.12
N HIS B 127 32.89 14.52 12.00
CA HIS B 127 31.44 14.50 11.91
C HIS B 127 30.91 13.10 12.23
N ILE B 128 31.59 12.08 11.73
CA ILE B 128 31.13 10.69 11.84
C ILE B 128 31.08 10.23 13.28
N CYS B 129 32.18 10.40 13.98
CA CYS B 129 32.31 10.12 15.40
C CYS B 129 31.20 10.82 16.18
N TYR B 130 30.96 12.08 15.81
CA TYR B 130 30.06 12.93 16.56
C TYR B 130 28.59 12.54 16.35
N PHE B 131 28.22 12.32 15.08
CA PHE B 131 26.87 11.88 14.74
C PHE B 131 26.62 10.56 15.42
N LEU B 132 27.67 9.75 15.49
CA LEU B 132 27.59 8.43 16.09
C LEU B 132 27.34 8.56 17.59
N TYR B 133 28.00 9.53 18.22
CA TYR B 133 27.86 9.70 19.65
C TYR B 133 26.43 10.06 19.95
N GLN B 134 25.88 10.97 19.16
CA GLN B 134 24.52 11.42 19.38
C GLN B 134 23.46 10.37 19.14
N ILE B 135 23.70 9.49 18.15
CA ILE B 135 22.79 8.40 17.88
C ILE B 135 22.75 7.48 19.09
N LEU B 136 23.94 7.14 19.59
CA LEU B 136 24.08 6.21 20.69
C LEU B 136 23.63 6.81 22.02
N ARG B 137 23.88 8.11 22.18
CA ARG B 137 23.37 8.83 23.36
C ARG B 137 21.84 8.81 23.38
N GLY B 138 21.23 9.09 22.24
CA GLY B 138 19.79 9.01 22.13
C GLY B 138 19.28 7.59 22.33
N LEU B 139 19.98 6.62 21.72
CA LEU B 139 19.56 5.21 21.80
C LEU B 139 19.61 4.68 23.24
N LYS B 140 20.59 5.15 24.01
CA LYS B 140 20.75 4.75 25.40
C LYS B 140 19.49 5.07 26.19
N TYR B 141 18.95 6.26 25.96
CA TYR B 141 17.73 6.71 26.60
C TYR B 141 16.55 5.82 26.24
N ILE B 142 16.44 5.50 24.96
CA ILE B 142 15.33 4.70 24.43
C ILE B 142 15.38 3.32 25.05
N HIS B 143 16.58 2.77 25.14
CA HIS B 143 16.76 1.42 25.63
C HIS B 143 16.59 1.35 27.15
N SER B 144 16.85 2.47 27.83
CA SER B 144 16.63 2.58 29.28
C SER B 144 15.15 2.59 29.61
N ALA B 145 14.34 3.05 28.66
CA ALA B 145 12.88 2.98 28.78
C ALA B 145 12.34 1.65 28.26
N ASN B 146 13.24 0.70 28.00
CA ASN B 146 12.89 -0.59 27.42
C ASN B 146 12.14 -0.53 26.09
N VAL B 147 12.47 0.46 25.28
CA VAL B 147 11.84 0.63 23.99
C VAL B 147 12.82 0.24 22.89
N LEU B 148 12.30 -0.41 21.86
CA LEU B 148 13.09 -0.71 20.69
C LEU B 148 12.63 0.23 19.59
N HIS B 149 13.56 0.88 18.92
CA HIS B 149 13.14 1.78 17.86
C HIS B 149 12.74 0.93 16.68
N ARG B 150 13.68 0.08 16.27
CA ARG B 150 13.44 -0.96 15.28
C ARG B 150 13.50 -0.51 13.81
N ASP B 151 13.72 0.77 13.56
CA ASP B 151 13.76 1.20 12.17
C ASP B 151 14.77 2.31 12.01
N LEU B 152 15.91 2.14 12.67
CA LEU B 152 17.02 3.09 12.58
C LEU B 152 17.68 2.97 11.23
N LYS B 153 17.86 4.11 10.57
CA LYS B 153 18.51 4.18 9.27
C LYS B 153 18.74 5.67 9.00
N PRO B 154 19.54 6.03 7.97
CA PRO B 154 19.96 7.43 7.88
C PRO B 154 18.81 8.42 7.70
N SER B 155 17.71 8.01 7.06
CA SER B 155 16.60 8.91 6.81
C SER B 155 15.70 9.10 8.03
N ASN B 156 15.98 8.37 9.11
CA ASN B 156 15.33 8.59 10.37
C ASN B 156 16.22 9.31 11.37
N LEU B 157 17.29 9.89 10.86
CA LEU B 157 18.20 10.68 11.65
C LEU B 157 18.15 12.14 11.16
N LEU B 158 17.47 13.02 11.88
CA LEU B 158 17.43 14.46 11.50
C LEU B 158 18.66 15.23 11.97
N LEU B 159 19.12 16.19 11.16
CA LEU B 159 20.30 16.98 11.49
C LEU B 159 20.09 18.46 11.28
N ASN B 160 20.85 19.25 12.04
CA ASN B 160 21.03 20.69 11.82
C ASN B 160 22.36 20.94 11.14
N THR B 161 22.65 22.19 10.81
CA THR B 161 23.97 22.53 10.27
C THR B 161 24.91 22.71 11.44
N THR B 162 24.32 22.82 12.62
CA THR B 162 25.06 22.98 13.85
C THR B 162 25.53 21.62 14.33
N CYS B 163 25.19 20.58 13.56
CA CYS B 163 25.58 19.19 13.82
C CYS B 163 24.79 18.50 14.92
N ASP B 164 23.72 19.13 15.37
CA ASP B 164 22.79 18.47 16.29
C ASP B 164 22.03 17.37 15.54
N LEU B 165 21.81 16.24 16.19
CA LEU B 165 21.09 15.11 15.60
C LEU B 165 19.92 14.64 16.48
N LYS B 166 18.74 14.46 15.89
CA LYS B 166 17.61 13.88 16.61
C LYS B 166 17.04 12.60 15.93
N ILE B 167 16.86 11.53 16.68
CA ILE B 167 16.23 10.32 16.14
C ILE B 167 14.73 10.57 15.95
N CYS B 168 14.18 10.19 14.81
CA CYS B 168 12.74 10.35 14.60
C CYS B 168 12.09 9.07 14.14
N ASP B 169 10.77 9.15 13.89
CA ASP B 169 10.01 8.08 13.25
C ASP B 169 9.96 6.78 14.07
N PHE B 170 9.23 6.79 15.18
CA PHE B 170 9.12 5.60 16.02
C PHE B 170 7.89 4.76 15.69
N GLY B 171 7.41 4.81 14.46
CA GLY B 171 6.21 4.07 14.06
C GLY B 171 6.30 2.56 14.21
N LEU B 172 7.52 2.01 14.24
CA LEU B 172 7.69 0.55 14.39
C LEU B 172 8.22 0.22 15.77
N ALA B 173 8.30 1.23 16.62
CA ALA B 173 8.87 1.03 17.93
C ALA B 173 8.01 0.10 18.76
N ARG B 174 8.65 -0.73 19.56
CA ARG B 174 7.90 -1.52 20.54
C ARG B 174 8.70 -1.81 21.80
N VAL B 175 7.99 -2.29 22.81
CA VAL B 175 8.60 -2.63 24.08
C VAL B 175 9.37 -3.93 23.95
N ALA B 176 10.59 -3.94 24.45
CA ALA B 176 11.46 -5.13 24.40
C ALA B 176 10.93 -6.35 25.16
N ASP B 177 11.02 -7.52 24.54
CA ASP B 177 10.55 -8.75 25.17
C ASP B 177 11.08 -10.04 24.52
N PRO B 178 12.19 -10.55 24.98
CA PRO B 178 12.63 -11.90 24.66
C PRO B 178 11.85 -12.99 25.42
N ASP B 179 10.90 -13.67 24.80
CA ASP B 179 10.49 -13.34 23.45
C ASP B 179 9.01 -13.47 23.24
N HIS B 180 8.29 -13.49 24.34
CA HIS B 180 6.88 -13.60 24.34
C HIS B 180 6.55 -14.27 25.63
N THR B 192 13.84 -1.33 2.94
CA THR B 192 14.84 -1.09 3.98
C THR B 192 15.00 -2.33 4.88
N ARG B 193 15.03 -3.48 4.24
CA ARG B 193 15.63 -4.65 4.83
C ARG B 193 17.11 -4.36 5.03
N TRP B 194 17.59 -3.25 4.48
CA TRP B 194 19.01 -2.94 4.46
C TRP B 194 19.62 -2.80 5.83
N TYR B 195 18.81 -2.38 6.81
CA TYR B 195 19.28 -2.16 8.17
C TYR B 195 18.80 -3.22 9.17
N ARG B 196 18.19 -4.28 8.67
CA ARG B 196 17.70 -5.33 9.54
C ARG B 196 18.81 -6.29 9.95
N ALA B 197 18.87 -6.61 11.24
CA ALA B 197 19.78 -7.64 11.75
C ALA B 197 19.48 -9.04 11.19
N PRO B 198 20.53 -9.83 10.94
CA PRO B 198 20.40 -11.16 10.33
C PRO B 198 19.40 -12.07 11.08
N GLU B 199 19.42 -12.02 12.42
CA GLU B 199 18.55 -12.87 13.24
C GLU B 199 17.06 -12.68 12.96
N ILE B 200 16.73 -11.57 12.33
CA ILE B 200 15.36 -11.25 11.95
C ILE B 200 14.93 -12.03 10.70
N MET B 201 15.87 -12.23 9.78
CA MET B 201 15.61 -13.07 8.61
C MET B 201 15.59 -14.54 9.04
N LEU B 202 16.26 -14.84 10.14
CA LEU B 202 16.44 -16.22 10.57
C LEU B 202 15.47 -16.69 11.67
N ASN B 203 15.66 -16.19 12.89
CA ASN B 203 14.97 -16.73 14.08
C ASN B 203 14.46 -15.72 15.12
N SER B 204 14.37 -14.44 14.72
CA SER B 204 14.06 -13.39 15.67
C SER B 204 12.87 -12.54 15.23
N LYS B 205 12.06 -12.16 16.20
CA LYS B 205 10.95 -11.27 15.98
C LYS B 205 11.48 -9.85 16.07
N GLY B 206 12.71 -9.72 16.56
CA GLY B 206 13.35 -8.43 16.76
C GLY B 206 12.82 -7.70 17.97
N TYR B 207 12.80 -8.40 19.10
CA TYR B 207 12.30 -7.88 20.36
C TYR B 207 13.46 -7.60 21.29
N THR B 208 14.64 -7.53 20.71
CA THR B 208 15.83 -7.43 21.51
C THR B 208 16.61 -6.16 21.16
N LYS B 209 17.17 -5.53 22.19
CA LYS B 209 17.95 -4.34 22.01
C LYS B 209 19.08 -4.51 20.99
N SER B 210 19.57 -5.73 20.83
CA SER B 210 20.64 -5.97 19.88
C SER B 210 20.25 -5.66 18.42
N ILE B 211 18.95 -5.61 18.10
CA ILE B 211 18.59 -5.26 16.73
C ILE B 211 18.76 -3.76 16.37
N ASP B 212 18.63 -2.88 17.35
CA ASP B 212 18.90 -1.47 17.09
C ASP B 212 20.42 -1.26 16.93
N ILE B 213 21.21 -2.03 17.67
CA ILE B 213 22.65 -1.91 17.61
C ILE B 213 23.17 -2.30 16.21
N TRP B 214 22.57 -3.32 15.61
CA TRP B 214 22.96 -3.72 14.27
C TRP B 214 22.68 -2.59 13.28
N SER B 215 21.52 -1.97 13.41
CA SER B 215 21.19 -0.86 12.53
C SER B 215 22.18 0.32 12.68
N VAL B 216 22.57 0.63 13.91
CA VAL B 216 23.57 1.67 14.12
C VAL B 216 24.87 1.28 13.43
N GLY B 217 25.22 0.00 13.51
CA GLY B 217 26.36 -0.52 12.80
C GLY B 217 26.28 -0.23 11.31
N CYS B 218 25.13 -0.46 10.69
CA CYS B 218 24.98 -0.22 9.26
C CYS B 218 25.13 1.26 8.94
N ILE B 219 24.60 2.11 9.81
CA ILE B 219 24.61 3.54 9.62
C ILE B 219 26.05 4.05 9.70
N LEU B 220 26.80 3.56 10.67
CA LEU B 220 28.20 3.95 10.78
C LEU B 220 28.98 3.49 9.55
N ALA B 221 28.68 2.28 9.06
CA ALA B 221 29.29 1.81 7.81
C ALA B 221 28.99 2.77 6.66
N GLU B 222 27.74 3.20 6.57
CA GLU B 222 27.28 4.14 5.53
C GLU B 222 27.85 5.56 5.67
N MET B 223 28.18 5.97 6.88
CA MET B 223 28.75 7.30 7.07
C MET B 223 30.19 7.26 6.64
N LEU B 224 30.78 6.08 6.75
CA LEU B 224 32.18 5.85 6.48
C LEU B 224 32.50 5.82 4.99
N SER B 225 31.54 5.38 4.18
CA SER B 225 31.82 5.10 2.77
C SER B 225 30.79 5.69 1.84
N ASN B 226 29.80 6.38 2.41
CA ASN B 226 28.72 6.96 1.62
C ASN B 226 27.81 5.98 0.88
N ARG B 227 27.96 4.70 1.13
CA ARG B 227 27.04 3.74 0.53
C ARG B 227 26.56 2.73 1.55
N PRO B 228 25.33 2.23 1.37
CA PRO B 228 24.79 1.17 2.21
C PRO B 228 25.72 -0.03 2.21
N ILE B 229 25.94 -0.64 3.35
CA ILE B 229 26.84 -1.79 3.37
C ILE B 229 26.14 -3.07 2.89
N PHE B 230 24.85 -3.21 3.18
CA PHE B 230 24.12 -4.43 2.84
C PHE B 230 22.85 -4.21 2.04
N PRO B 231 22.95 -3.79 0.77
CA PRO B 231 21.71 -3.45 0.06
C PRO B 231 21.07 -4.60 -0.73
N GLY B 232 20.49 -5.60 -0.05
CA GLY B 232 19.77 -6.67 -0.73
C GLY B 232 18.49 -6.23 -1.43
N LYS B 233 18.01 -7.05 -2.36
CA LYS B 233 16.87 -6.72 -3.22
C LYS B 233 15.62 -7.48 -2.82
N HIS B 234 15.79 -8.45 -1.94
CA HIS B 234 14.69 -9.22 -1.41
C HIS B 234 15.25 -9.94 -0.20
N TYR B 235 14.39 -10.69 0.49
CA TYR B 235 14.73 -11.41 1.72
C TYR B 235 15.97 -12.30 1.61
N LEU B 236 16.02 -13.15 0.61
CA LEU B 236 17.14 -14.07 0.50
C LEU B 236 18.41 -13.25 0.25
N ASP B 237 18.29 -12.28 -0.65
CA ASP B 237 19.42 -11.46 -1.04
C ASP B 237 20.05 -10.71 0.15
N GLN B 238 19.22 -10.22 1.06
CA GLN B 238 19.74 -9.49 2.22
C GLN B 238 20.76 -10.34 2.97
N LEU B 239 20.40 -11.60 3.20
CA LEU B 239 21.28 -12.54 3.88
C LEU B 239 22.57 -12.77 3.09
N ASN B 240 22.45 -12.92 1.78
CA ASN B 240 23.62 -13.07 0.92
C ASN B 240 24.57 -11.88 1.05
N HIS B 241 24.04 -10.68 1.11
CA HIS B 241 24.89 -9.50 1.31
C HIS B 241 25.63 -9.52 2.64
N ILE B 242 24.93 -9.87 3.71
CA ILE B 242 25.51 -9.87 5.04
C ILE B 242 26.65 -10.88 5.15
N LEU B 243 26.38 -12.07 4.65
CA LEU B 243 27.35 -13.16 4.66
C LEU B 243 28.56 -12.88 3.76
N GLY B 244 28.34 -12.11 2.69
CA GLY B 244 29.42 -11.66 1.85
C GLY B 244 30.49 -10.88 2.63
N ILE B 245 30.09 -10.17 3.67
CA ILE B 245 31.04 -9.39 4.47
C ILE B 245 31.42 -10.12 5.74
N LEU B 246 30.42 -10.58 6.47
CA LEU B 246 30.67 -11.20 7.75
C LEU B 246 31.34 -12.58 7.67
N GLY B 247 31.10 -13.27 6.56
CA GLY B 247 31.62 -14.61 6.37
C GLY B 247 30.63 -15.63 6.86
N SER B 248 30.92 -16.90 6.61
CA SER B 248 30.06 -17.97 7.08
C SER B 248 30.13 -18.08 8.60
N PRO B 249 28.98 -18.27 9.25
CA PRO B 249 28.89 -18.36 10.71
C PRO B 249 29.55 -19.61 11.28
N SER B 250 30.31 -19.47 12.38
CA SER B 250 30.85 -20.62 13.10
C SER B 250 29.73 -21.49 13.67
N GLN B 251 30.02 -22.77 13.88
CA GLN B 251 29.03 -23.73 14.40
C GLN B 251 28.55 -23.35 15.81
N GLU B 252 29.28 -22.44 16.44
CA GLU B 252 28.90 -21.85 17.70
C GLU B 252 27.83 -20.79 17.47
N ASP B 253 28.07 -19.92 16.49
CA ASP B 253 27.11 -18.92 16.04
C ASP B 253 26.02 -19.62 15.21
N LEU B 254 26.38 -20.61 14.41
CA LEU B 254 25.43 -21.68 14.05
C LEU B 254 25.11 -22.43 15.33
N ASN B 255 24.53 -23.61 15.26
CA ASN B 255 23.78 -24.25 16.35
C ASN B 255 23.34 -23.37 17.58
N CYS B 256 22.89 -22.16 17.27
CA CYS B 256 22.27 -21.35 18.30
C CYS B 256 20.88 -20.75 17.98
N ILE B 257 20.34 -21.04 16.80
CA ILE B 257 19.03 -20.54 16.42
C ILE B 257 17.78 -21.36 16.76
N ILE B 258 16.67 -20.63 16.83
CA ILE B 258 15.33 -21.15 17.08
C ILE B 258 14.91 -22.01 15.90
N ASN B 259 14.78 -21.43 14.72
CA ASN B 259 14.46 -22.27 13.58
C ASN B 259 15.64 -23.19 13.32
N LEU B 260 15.34 -24.42 12.95
CA LEU B 260 16.36 -25.43 12.74
C LEU B 260 16.23 -25.96 11.33
N LYS B 261 15.10 -25.64 10.69
CA LYS B 261 14.89 -25.97 9.29
C LYS B 261 15.38 -24.84 8.40
N ALA B 262 15.98 -23.82 9.01
CA ALA B 262 16.51 -22.68 8.26
C ALA B 262 17.92 -22.28 8.66
N ARG B 263 18.44 -22.90 9.72
CA ARG B 263 19.87 -22.86 9.92
C ARG B 263 20.49 -23.89 9.01
N ASN B 264 19.70 -24.91 8.71
CA ASN B 264 20.06 -25.87 7.69
C ASN B 264 20.14 -25.13 6.36
N TYR B 265 19.27 -24.16 6.15
CA TYR B 265 19.36 -23.30 4.97
C TYR B 265 20.74 -22.64 4.91
N LEU B 266 21.30 -22.32 6.07
CA LEU B 266 22.61 -21.66 6.14
C LEU B 266 23.77 -22.63 5.90
N LEU B 267 23.78 -23.73 6.64
CA LEU B 267 24.83 -24.75 6.50
C LEU B 267 24.89 -25.25 5.06
N SER B 268 23.74 -25.17 4.38
CA SER B 268 23.61 -25.46 2.95
C SER B 268 24.60 -24.72 2.04
N LEU B 269 24.67 -23.40 2.17
CA LEU B 269 25.30 -22.54 1.16
C LEU B 269 26.84 -22.47 1.24
N PRO B 270 27.48 -21.95 0.17
CA PRO B 270 28.94 -21.94 0.09
C PRO B 270 29.68 -21.15 1.17
N HIS B 271 30.86 -21.62 1.54
CA HIS B 271 31.69 -20.85 2.44
C HIS B 271 32.05 -19.48 1.85
N LYS B 272 31.95 -18.45 2.68
CA LYS B 272 32.43 -17.13 2.32
C LYS B 272 33.41 -16.69 3.39
N ASN B 273 34.52 -16.12 2.97
CA ASN B 273 35.44 -15.59 3.96
C ASN B 273 34.99 -14.25 4.53
N LYS B 274 35.28 -14.05 5.80
CA LYS B 274 35.01 -12.77 6.43
C LYS B 274 35.99 -11.76 5.88
N VAL B 275 35.46 -10.75 5.20
CA VAL B 275 36.27 -9.66 4.67
C VAL B 275 36.78 -8.77 5.81
N PRO B 276 38.10 -8.57 5.91
CA PRO B 276 38.63 -7.60 6.87
C PRO B 276 38.02 -6.22 6.68
N TRP B 277 37.64 -5.59 7.78
CA TRP B 277 36.99 -4.30 7.71
C TRP B 277 37.81 -3.23 6.99
N ASN B 278 39.14 -3.28 7.09
CA ASN B 278 39.96 -2.27 6.43
C ASN B 278 40.16 -2.41 4.90
N ARG B 279 39.63 -3.48 4.29
CA ARG B 279 39.62 -3.55 2.82
C ARG B 279 38.39 -2.84 2.26
N LEU B 280 37.26 -2.98 2.96
CA LEU B 280 36.20 -1.99 2.86
C LEU B 280 36.80 -0.87 3.66
N PHE B 281 36.31 0.35 3.52
CA PHE B 281 36.77 1.46 4.38
C PHE B 281 38.28 1.49 4.67
N PRO B 282 39.13 1.51 3.62
CA PRO B 282 40.57 1.66 3.87
C PRO B 282 40.93 3.01 4.50
N ASN B 283 40.13 4.03 4.22
CA ASN B 283 40.40 5.37 4.70
C ASN B 283 39.88 5.64 6.11
N ALA B 284 39.20 4.65 6.70
CA ALA B 284 38.53 4.84 7.98
C ALA B 284 39.49 4.78 9.17
N ASP B 285 39.12 5.44 10.27
CA ASP B 285 39.88 5.34 11.52
C ASP B 285 39.76 3.96 12.12
N SER B 286 40.88 3.37 12.51
CA SER B 286 40.90 2.05 13.12
C SER B 286 39.97 1.93 14.33
N LYS B 287 39.96 2.93 15.21
CA LYS B 287 39.08 2.92 16.37
C LYS B 287 37.62 2.78 15.91
N ALA B 288 37.27 3.45 14.82
CA ALA B 288 35.93 3.30 14.25
C ALA B 288 35.66 1.87 13.78
N LEU B 289 36.67 1.25 13.17
CA LEU B 289 36.45 -0.03 12.54
C LEU B 289 36.26 -1.10 13.61
N ASP B 290 36.98 -0.95 14.71
CA ASP B 290 36.86 -1.88 15.82
C ASP B 290 35.45 -1.80 16.41
N LEU B 291 34.87 -0.61 16.42
CA LEU B 291 33.54 -0.46 17.02
C LEU B 291 32.51 -1.02 16.05
N LEU B 292 32.72 -0.73 14.76
CA LEU B 292 31.88 -1.27 13.71
C LEU B 292 31.79 -2.80 13.80
N ASP B 293 32.93 -3.44 14.08
CA ASP B 293 33.07 -4.89 14.12
C ASP B 293 32.22 -5.49 15.23
N LYS B 294 32.13 -4.76 16.34
CA LYS B 294 31.40 -5.21 17.51
C LYS B 294 29.91 -4.93 17.37
N MET B 295 29.56 -4.03 16.46
CA MET B 295 28.14 -3.75 16.22
C MET B 295 27.56 -4.70 15.18
N LEU B 296 28.37 -5.03 14.17
CA LEU B 296 27.95 -5.96 13.13
C LEU B 296 28.47 -7.38 13.41
N THR B 297 28.17 -7.88 14.61
CA THR B 297 28.40 -9.29 14.92
C THR B 297 27.16 -10.07 14.56
N PHE B 298 27.37 -11.16 13.84
CA PHE B 298 26.28 -12.03 13.41
C PHE B 298 25.44 -12.55 14.57
N ASN B 299 26.10 -13.05 15.60
CA ASN B 299 25.40 -13.58 16.76
C ASN B 299 25.03 -12.47 17.71
N PRO B 300 23.72 -12.19 17.86
CA PRO B 300 23.16 -11.06 18.60
C PRO B 300 23.50 -11.07 20.09
N HIS B 301 23.67 -12.24 20.68
CA HIS B 301 24.14 -12.36 22.07
C HIS B 301 25.60 -11.93 22.27
N LYS B 302 26.32 -11.76 21.17
CA LYS B 302 27.72 -11.35 21.24
C LYS B 302 27.89 -9.90 20.83
N ARG B 303 26.76 -9.27 20.52
CA ARG B 303 26.76 -7.91 20.03
C ARG B 303 26.89 -6.90 21.16
N ILE B 304 27.56 -5.80 20.85
CA ILE B 304 27.84 -4.78 21.85
C ILE B 304 26.53 -4.10 22.25
N GLU B 305 26.39 -3.76 23.53
CA GLU B 305 25.20 -3.06 24.03
C GLU B 305 25.46 -1.55 24.04
N VAL B 306 24.38 -0.77 24.11
CA VAL B 306 24.50 0.66 23.87
C VAL B 306 25.45 1.33 24.85
N GLU B 307 25.39 0.93 26.11
CA GLU B 307 26.30 1.52 27.10
C GLU B 307 27.73 1.14 26.80
N GLN B 308 27.95 -0.10 26.38
CA GLN B 308 29.31 -0.55 26.10
C GLN B 308 29.89 0.19 24.90
N ALA B 309 29.05 0.48 23.92
CA ALA B 309 29.49 1.20 22.74
C ALA B 309 29.83 2.68 23.04
N LEU B 310 29.07 3.32 23.93
CA LEU B 310 29.34 4.71 24.31
C LEU B 310 30.71 4.84 24.97
N ALA B 311 31.06 3.84 25.77
CA ALA B 311 32.33 3.81 26.47
C ALA B 311 33.45 3.22 25.63
N HIS B 312 33.21 3.03 24.34
CA HIS B 312 34.28 2.56 23.46
C HIS B 312 35.26 3.69 23.17
N PRO B 313 36.54 3.34 22.93
CA PRO B 313 37.61 4.32 22.65
C PRO B 313 37.29 5.29 21.52
N TYR B 314 36.60 4.85 20.47
CA TYR B 314 36.23 5.74 19.36
C TYR B 314 35.45 6.93 19.83
N LEU B 315 34.75 6.78 20.95
CA LEU B 315 33.86 7.81 21.44
C LEU B 315 34.39 8.39 22.75
N ALA B 316 35.69 8.29 22.97
CA ALA B 316 36.26 8.73 24.24
C ALA B 316 36.09 10.22 24.48
N GLN B 317 36.06 11.00 23.40
CA GLN B 317 36.06 12.46 23.55
C GLN B 317 34.70 13.03 23.89
N TYR B 318 33.63 12.31 23.54
CA TYR B 318 32.29 12.73 23.95
C TYR B 318 31.77 11.88 25.07
N TYR B 319 32.46 10.80 25.38
CA TYR B 319 31.94 9.94 26.42
C TYR B 319 31.87 10.62 27.78
N ASP B 320 30.65 10.86 28.22
CA ASP B 320 30.40 11.42 29.54
C ASP B 320 29.16 10.77 30.14
N PRO B 321 29.33 9.67 30.88
CA PRO B 321 28.22 9.00 31.57
C PRO B 321 27.39 9.95 32.43
N SER B 322 27.97 11.07 32.88
CA SER B 322 27.25 12.02 33.72
C SER B 322 26.26 12.90 32.94
N ASP B 323 26.54 13.13 31.66
CA ASP B 323 25.59 13.88 30.82
C ASP B 323 24.92 12.96 29.77
N GLU B 324 24.61 11.74 30.17
CA GLU B 324 23.91 10.83 29.29
C GLU B 324 22.64 10.32 29.96
N PRO B 325 21.56 11.09 29.87
CA PRO B 325 20.33 10.84 30.63
C PRO B 325 19.64 9.55 30.25
N ILE B 326 18.87 9.06 31.21
CA ILE B 326 18.18 7.79 31.13
C ILE B 326 16.70 8.11 31.41
N ALA B 327 15.79 7.30 30.90
CA ALA B 327 14.36 7.47 31.18
C ALA B 327 14.11 7.31 32.66
N GLU B 328 13.15 8.07 33.17
CA GLU B 328 12.78 7.94 34.57
C GLU B 328 12.21 6.55 34.80
N ALA B 329 11.38 6.09 33.88
CA ALA B 329 10.77 4.76 33.96
C ALA B 329 10.55 4.11 32.60
N PRO B 330 10.51 2.77 32.59
CA PRO B 330 10.06 1.97 31.45
C PRO B 330 8.72 2.41 30.87
N PHE B 331 8.71 2.57 29.55
CA PHE B 331 7.51 2.91 28.81
C PHE B 331 6.66 1.67 28.63
N LYS B 332 5.35 1.81 28.82
CA LYS B 332 4.40 0.72 28.67
C LYS B 332 3.22 1.24 27.85
N PHE B 333 2.62 0.38 27.02
CA PHE B 333 1.60 0.85 26.08
C PHE B 333 0.16 1.02 26.61
N ASP B 334 -0.35 -0.06 27.24
CA ASP B 334 -1.73 -0.22 27.78
C ASP B 334 -2.52 -1.23 26.97
N MET B 335 -2.37 -1.13 25.66
CA MET B 335 -3.09 -1.97 24.73
C MET B 335 -2.07 -2.52 23.76
N GLU B 336 -2.28 -3.72 23.24
CA GLU B 336 -1.48 -4.09 22.09
C GLU B 336 -2.12 -3.35 20.94
N LEU B 337 -1.35 -2.48 20.29
CA LEU B 337 -1.85 -1.72 19.15
C LEU B 337 -1.99 -2.55 17.86
N ASP B 338 -1.12 -3.54 17.67
CA ASP B 338 -1.04 -4.38 16.45
C ASP B 338 -2.36 -5.10 16.08
N ASP B 339 -3.25 -5.22 17.06
CA ASP B 339 -4.43 -6.08 16.93
C ASP B 339 -5.74 -5.30 16.88
N LEU B 340 -5.74 -4.09 17.43
CA LEU B 340 -6.91 -3.24 17.38
C LEU B 340 -7.28 -2.91 15.93
N PRO B 341 -8.59 -2.84 15.64
CA PRO B 341 -9.10 -2.44 14.32
C PRO B 341 -8.98 -0.92 14.11
N LYS B 342 -8.73 -0.50 12.87
CA LYS B 342 -8.46 0.90 12.54
C LYS B 342 -9.52 1.87 13.07
N GLU B 343 -10.77 1.45 13.02
CA GLU B 343 -11.86 2.18 13.67
C GLU B 343 -11.57 2.45 15.16
N LYS B 344 -11.21 1.44 15.94
CA LYS B 344 -10.87 1.69 17.33
C LYS B 344 -9.63 2.57 17.44
N LEU B 345 -8.64 2.31 16.58
CA LEU B 345 -7.39 3.04 16.63
C LEU B 345 -7.61 4.53 16.32
N LYS B 346 -8.56 4.83 15.43
CA LYS B 346 -8.88 6.23 15.12
C LYS B 346 -9.38 6.92 16.38
N GLU B 347 -10.25 6.23 17.11
CA GLU B 347 -10.83 6.75 18.36
C GLU B 347 -9.73 7.07 19.36
N LEU B 348 -8.79 6.14 19.51
CA LEU B 348 -7.62 6.32 20.38
C LEU B 348 -6.71 7.43 19.91
N ILE B 349 -6.59 7.61 18.60
CA ILE B 349 -5.83 8.72 18.10
C ILE B 349 -6.51 10.08 18.48
N PHE B 350 -7.81 10.16 18.32
CA PHE B 350 -8.59 11.32 18.74
C PHE B 350 -8.42 11.60 20.24
N GLU B 351 -8.52 10.55 21.05
CA GLU B 351 -8.34 10.69 22.49
C GLU B 351 -6.97 11.23 22.84
N GLU B 352 -5.98 10.59 22.25
CA GLU B 352 -4.59 10.90 22.48
C GLU B 352 -4.20 12.33 22.03
N THR B 353 -4.91 12.91 21.07
CA THR B 353 -4.58 14.27 20.68
C THR B 353 -5.44 15.36 21.35
N ALA B 354 -6.34 14.99 22.24
CA ALA B 354 -7.31 15.94 22.78
C ALA B 354 -6.61 17.00 23.62
N ARG B 355 -5.49 16.62 24.24
CA ARG B 355 -4.73 17.52 25.09
C ARG B 355 -4.20 18.76 24.38
N PHE B 356 -4.25 18.76 23.05
CA PHE B 356 -3.76 19.87 22.25
C PHE B 356 -4.95 20.68 21.79
N GLN B 357 -6.13 20.24 22.22
CA GLN B 357 -7.36 20.94 21.86
C GLN B 357 -7.70 22.03 22.87
N PRO B 358 -8.29 23.14 22.38
CA PRO B 358 -8.69 24.26 23.24
C PRO B 358 -9.74 23.84 24.27
N GLY B 359 -9.50 24.17 25.54
CA GLY B 359 -10.46 23.90 26.59
C GLY B 359 -10.67 22.44 26.97
N TYR B 360 -9.66 21.59 26.78
CA TYR B 360 -9.76 20.17 27.14
C TYR B 360 -9.71 19.86 28.66
N ARG B 361 -10.45 18.85 29.10
CA ARG B 361 -10.44 18.44 30.53
C ARG B 361 -9.42 17.31 30.83
N PRO C 1 -20.29 -16.57 -30.77
CA PRO C 1 -21.07 -15.33 -30.85
C PRO C 1 -22.58 -15.51 -30.87
N GLN C 2 -23.15 -16.42 -31.66
CA GLN C 2 -24.60 -16.59 -31.58
C GLN C 2 -24.96 -17.37 -30.31
N LEU C 3 -25.87 -16.83 -29.53
CA LEU C 3 -26.18 -17.36 -28.19
C LEU C 3 -27.25 -18.44 -28.18
N LYS C 4 -26.94 -19.52 -27.46
CA LYS C 4 -27.84 -20.64 -27.21
C LYS C 4 -28.90 -20.19 -26.20
N PRO C 5 -29.89 -21.06 -25.87
CA PRO C 5 -30.87 -20.43 -24.98
C PRO C 5 -30.34 -20.25 -23.57
N ILE C 6 -31.01 -19.42 -22.77
CA ILE C 6 -30.66 -19.23 -21.37
C ILE C 6 -30.65 -20.57 -20.65
N GLU C 7 -31.61 -21.40 -21.01
CA GLU C 7 -31.83 -22.72 -20.39
C GLU C 7 -30.61 -23.65 -20.42
N ALA C 8 -29.59 -23.28 -21.19
CA ALA C 8 -28.35 -24.03 -21.26
C ALA C 8 -27.50 -23.86 -20.00
N SER C 9 -27.45 -22.64 -19.48
CA SER C 9 -26.66 -22.33 -18.29
C SER C 9 -27.09 -23.19 -17.11
N ILE C 10 -26.12 -23.59 -16.29
CA ILE C 10 -26.41 -24.40 -15.13
C ILE C 10 -27.04 -23.56 -14.02
N LEU C 11 -26.66 -22.29 -13.94
CA LEU C 11 -27.32 -21.39 -13.00
C LEU C 11 -28.79 -21.27 -13.35
N ALA C 12 -29.07 -20.93 -14.59
CA ALA C 12 -30.43 -20.91 -15.10
C ALA C 12 -31.12 -22.27 -14.94
N ALA C 13 -30.33 -23.35 -15.02
CA ALA C 13 -30.88 -24.69 -14.90
C ALA C 13 -31.54 -24.88 -13.54
N ARG C 14 -30.82 -24.57 -12.45
CA ARG C 14 -31.41 -24.60 -11.10
C ARG C 14 -32.53 -23.55 -10.91
N ARG C 15 -33.17 -23.14 -12.01
CA ARG C 15 -34.44 -22.41 -11.97
C ARG C 15 -35.48 -23.28 -12.67
N VAL C 16 -35.57 -24.53 -12.21
CA VAL C 16 -36.50 -25.57 -12.65
C VAL C 16 -35.88 -26.93 -12.38
N PRO D 1 23.14 21.00 3.50
CA PRO D 1 24.20 21.84 2.93
C PRO D 1 25.59 21.49 3.45
N GLN D 2 26.28 22.47 4.04
CA GLN D 2 27.64 22.26 4.54
C GLN D 2 27.66 22.37 6.06
N LEU D 3 28.17 21.34 6.73
CA LEU D 3 28.19 21.31 8.18
C LEU D 3 29.11 22.37 8.76
N LYS D 4 28.85 22.77 10.00
CA LYS D 4 29.72 23.65 10.76
C LYS D 4 30.69 22.81 11.58
N PRO D 5 31.64 23.46 12.27
CA PRO D 5 32.42 22.74 13.27
C PRO D 5 31.56 22.02 14.31
N ILE D 6 32.00 20.83 14.73
CA ILE D 6 31.37 20.06 15.80
C ILE D 6 31.12 20.97 17.02
N GLU D 7 32.07 21.83 17.29
CA GLU D 7 32.01 22.79 18.39
C GLU D 7 30.83 23.78 18.30
N ALA D 8 30.13 23.80 17.16
CA ALA D 8 28.94 24.62 17.01
C ALA D 8 27.77 24.05 17.78
N SER D 9 27.73 22.72 17.87
CA SER D 9 26.67 22.06 18.61
C SER D 9 26.80 22.32 20.10
N ILE D 10 25.67 22.54 20.76
CA ILE D 10 25.66 22.80 22.19
C ILE D 10 26.19 21.58 22.95
N LEU D 11 25.68 20.40 22.62
CA LEU D 11 26.15 19.16 23.25
C LEU D 11 27.67 18.99 23.14
N ALA D 12 28.20 19.20 21.93
CA ALA D 12 29.63 19.05 21.69
C ALA D 12 30.48 20.15 22.29
N ALA D 13 30.11 21.41 22.05
CA ALA D 13 30.81 22.54 22.66
C ALA D 13 30.91 22.28 24.17
N ARG D 14 29.80 21.83 24.74
CA ARG D 14 29.70 21.43 26.14
C ARG D 14 30.75 20.39 26.55
N ARG D 15 31.21 19.58 25.61
CA ARG D 15 32.28 18.60 25.91
C ARG D 15 33.56 19.30 26.36
N VAL D 16 34.07 20.22 25.54
CA VAL D 16 35.25 21.00 25.90
C VAL D 16 35.04 21.67 27.26
N ARG D 17 35.67 21.12 28.30
CA ARG D 17 35.42 21.53 29.68
C ARG D 17 36.65 22.10 30.39
#